data_2X65
#
_entry.id   2X65
#
_cell.length_a   63.933
_cell.length_b   91.738
_cell.length_c   69.730
_cell.angle_alpha   90.00
_cell.angle_beta   110.75
_cell.angle_gamma   90.00
#
_symmetry.space_group_name_H-M   'P 1 21 1'
#
loop_
_entity.id
_entity.type
_entity.pdbx_description
1 polymer 'MANNOSE-1-PHOSPHATE GUANYLYLTRANSFERASE'
2 non-polymer 1-O-phosphono-alpha-D-mannopyranose
3 non-polymer 'MAGNESIUM ION'
4 non-polymer (4R)-2-METHYLPENTANE-2,4-DIOL
5 non-polymer (4S)-2-METHYL-2,4-PENTANEDIOL
6 non-polymer 'PHOSPHATE ION'
7 water water
#
_entity_poly.entity_id   1
_entity_poly.type   'polypeptide(L)'
_entity_poly.pdbx_seq_one_letter_code
;VMKALILAGGSGERFWPLSTPETPKQFLKLFGNKSLMRWTFERVLEEMDPKDVIVVTHKDYVERTKKELPELPDENIIAE
PMKKNTAPACFIGTKLADDDEPVLVLPADHRIPDTKKFWKTVKKALDALEKYDGLFTFGIVPTRPETGYGYIEIGEELEE
GVHKVAQFREKPDLETAKKFVESGRFLWNSGMFLWKAREFIEEVKVCEPSIYENLKDVDPRNFEELKKAYEKVPSISVDY
AVMEKSKKVRVVKADFEWSDLGNWSSVREIEGYTEESDEVILVDSDRVFVKTHNKPIAVVGLSDVIVIDTPNGILICKEE
YAQKVREVVKKLFRTS
;
_entity_poly.pdbx_strand_id   A,B
#
# COMPACT_ATOMS: atom_id res chain seq x y z
N VAL A 1 23.51 -1.28 -46.38
CA VAL A 1 22.68 -2.52 -46.47
C VAL A 1 22.73 -3.25 -45.12
N MET A 2 21.67 -3.12 -44.35
CA MET A 2 21.59 -3.72 -43.05
C MET A 2 20.14 -4.04 -42.82
N LYS A 3 19.88 -5.08 -42.02
CA LYS A 3 18.54 -5.31 -41.52
C LYS A 3 18.53 -5.14 -40.01
N ALA A 4 17.37 -4.80 -39.50
CA ALA A 4 17.16 -4.68 -38.08
C ALA A 4 16.05 -5.67 -37.70
N LEU A 5 16.34 -6.50 -36.71
CA LEU A 5 15.42 -7.52 -36.29
C LEU A 5 14.94 -7.11 -34.89
N ILE A 6 13.67 -6.76 -34.79
CA ILE A 6 13.06 -6.42 -33.52
C ILE A 6 12.34 -7.64 -32.93
N LEU A 7 12.81 -8.09 -31.78
CA LEU A 7 12.26 -9.30 -31.15
C LEU A 7 11.19 -8.94 -30.12
N ALA A 8 9.98 -9.49 -30.31
CA ALA A 8 8.94 -9.42 -29.27
C ALA A 8 9.57 -9.84 -27.95
N GLY A 9 9.27 -9.09 -26.89
CA GLY A 9 9.75 -9.42 -25.56
C GLY A 9 8.75 -10.31 -24.86
N GLY A 10 9.03 -10.59 -23.59
CA GLY A 10 8.20 -11.49 -22.81
C GLY A 10 7.08 -10.74 -22.10
N SER A 11 6.70 -11.26 -20.95
CA SER A 11 5.49 -10.82 -20.30
C SER A 11 5.62 -9.46 -19.63
N GLY A 12 4.51 -8.74 -19.59
CA GLY A 12 4.41 -7.54 -18.78
C GLY A 12 3.98 -7.83 -17.35
N GLU A 13 4.15 -9.07 -16.89
CA GLU A 13 3.69 -9.49 -15.54
C GLU A 13 4.21 -8.67 -14.38
N ARG A 14 5.44 -8.20 -14.45
CA ARG A 14 6.01 -7.49 -13.30
C ARG A 14 5.51 -6.04 -13.20
N PHE A 15 4.71 -5.63 -14.19
CA PHE A 15 4.10 -4.32 -14.21
C PHE A 15 2.62 -4.32 -13.90
N TRP A 16 2.11 -5.43 -13.36
CA TRP A 16 0.79 -5.41 -12.76
C TRP A 16 0.84 -4.30 -11.68
N PRO A 17 -0.25 -3.53 -11.52
CA PRO A 17 -1.56 -3.62 -12.16
C PRO A 17 -1.75 -2.82 -13.44
N LEU A 18 -0.69 -2.23 -13.97
CA LEU A 18 -0.79 -1.53 -15.25
C LEU A 18 -1.07 -2.57 -16.33
N SER A 19 -0.34 -3.69 -16.25
CA SER A 19 -0.39 -4.74 -17.27
C SER A 19 -1.56 -5.68 -17.09
N THR A 20 -2.34 -5.88 -18.16
CA THR A 20 -3.30 -6.98 -18.26
C THR A 20 -2.52 -8.29 -18.37
N PRO A 21 -3.12 -9.41 -17.89
CA PRO A 21 -2.38 -10.60 -17.40
C PRO A 21 -1.27 -11.18 -18.29
N GLU A 22 -1.58 -11.38 -19.56
CA GLU A 22 -0.68 -12.06 -20.48
C GLU A 22 -0.11 -11.09 -21.49
N THR A 23 -0.32 -9.79 -21.27
CA THR A 23 0.06 -8.81 -22.28
C THR A 23 1.58 -8.68 -22.29
N PRO A 24 2.20 -8.64 -23.48
CA PRO A 24 3.64 -8.47 -23.56
C PRO A 24 4.08 -7.10 -23.10
N LYS A 25 5.23 -7.04 -22.46
CA LYS A 25 5.70 -5.83 -21.88
C LYS A 25 5.88 -4.76 -22.92
N GLN A 26 6.22 -5.19 -24.14
CA GLN A 26 6.54 -4.24 -25.20
C GLN A 26 5.40 -3.30 -25.53
N PHE A 27 4.17 -3.67 -25.18
CA PHE A 27 3.02 -2.77 -25.40
C PHE A 27 2.78 -1.76 -24.28
N LEU A 28 3.50 -1.85 -23.16
CA LEU A 28 3.27 -0.91 -22.08
C LEU A 28 3.65 0.51 -22.47
N LYS A 29 2.81 1.47 -22.10
CA LYS A 29 3.12 2.84 -22.34
C LYS A 29 3.62 3.43 -21.04
N LEU A 30 4.85 3.11 -20.70
CA LEU A 30 5.44 3.56 -19.44
C LEU A 30 5.90 5.03 -19.49
N PHE A 31 6.30 5.50 -20.68
CA PHE A 31 6.79 6.87 -20.86
C PHE A 31 6.19 7.55 -22.08
N GLY A 32 5.87 8.84 -21.94
CA GLY A 32 5.46 9.69 -23.06
C GLY A 32 4.25 9.23 -23.86
N ASN A 33 3.40 8.44 -23.24
CA ASN A 33 2.22 7.91 -23.90
C ASN A 33 2.51 7.12 -25.18
N LYS A 34 3.65 6.46 -25.23
CA LYS A 34 3.92 5.53 -26.31
C LYS A 34 4.51 4.27 -25.78
N SER A 35 4.15 3.15 -26.40
CA SER A 35 4.67 1.86 -25.99
C SER A 35 6.19 1.76 -26.10
N LEU A 36 6.77 0.96 -25.23
CA LEU A 36 8.14 0.55 -25.34
C LEU A 36 8.51 0.19 -26.80
N MET A 37 7.68 -0.60 -27.46
CA MET A 37 7.95 -1.02 -28.84
C MET A 37 7.97 0.14 -29.82
N ARG A 38 7.01 1.01 -29.68
CA ARG A 38 6.91 2.19 -30.54
C ARG A 38 8.19 3.03 -30.44
N TRP A 39 8.61 3.36 -29.23
CA TRP A 39 9.86 4.09 -29.06
C TRP A 39 11.04 3.33 -29.70
N THR A 40 11.06 2.01 -29.57
CA THR A 40 12.13 1.26 -30.17
C THR A 40 12.14 1.44 -31.71
N PHE A 41 10.96 1.29 -32.30
CA PHE A 41 10.77 1.42 -33.75
C PHE A 41 11.23 2.81 -34.20
N GLU A 42 10.80 3.82 -33.47
CA GLU A 42 11.15 5.20 -33.83
C GLU A 42 12.64 5.44 -33.74
N ARG A 43 13.31 4.77 -32.83
CA ARG A 43 14.77 4.86 -32.70
C ARG A 43 15.46 4.24 -33.92
N VAL A 44 15.00 3.05 -34.30
CA VAL A 44 15.46 2.42 -35.52
C VAL A 44 15.21 3.28 -36.80
N LEU A 45 14.03 3.89 -36.91
CA LEU A 45 13.67 4.65 -38.12
C LEU A 45 14.53 5.90 -38.30
N GLU A 46 15.21 6.32 -37.25
CA GLU A 46 16.12 7.45 -37.29
C GLU A 46 17.15 7.29 -38.40
N GLU A 47 17.59 6.04 -38.63
CA GLU A 47 18.58 5.72 -39.68
C GLU A 47 18.10 4.70 -40.70
N MET A 48 17.00 4.00 -40.44
CA MET A 48 16.60 2.92 -41.29
C MET A 48 15.28 3.14 -41.98
N ASP A 49 15.25 2.62 -43.19
CA ASP A 49 14.05 2.50 -43.97
C ASP A 49 13.23 1.35 -43.38
N PRO A 50 11.94 1.60 -43.13
CA PRO A 50 11.09 0.55 -42.55
C PRO A 50 11.10 -0.80 -43.30
N LYS A 51 11.37 -0.78 -44.61
CA LYS A 51 11.44 -2.00 -45.40
C LYS A 51 12.57 -2.93 -44.93
N ASP A 52 13.57 -2.35 -44.27
CA ASP A 52 14.75 -3.06 -43.78
C ASP A 52 14.59 -3.47 -42.33
N VAL A 53 13.38 -3.29 -41.79
CA VAL A 53 13.05 -3.68 -40.42
C VAL A 53 12.06 -4.84 -40.39
N ILE A 54 12.41 -5.86 -39.61
CA ILE A 54 11.59 -7.05 -39.41
C ILE A 54 11.22 -7.13 -37.94
N VAL A 55 9.94 -7.41 -37.65
CA VAL A 55 9.52 -7.79 -36.29
C VAL A 55 9.13 -9.25 -36.31
N VAL A 56 9.79 -10.04 -35.47
CA VAL A 56 9.48 -11.46 -35.33
C VAL A 56 8.74 -11.57 -34.00
N THR A 57 7.53 -12.10 -34.06
CA THR A 57 6.62 -12.06 -32.93
C THR A 57 5.57 -13.17 -32.94
N HIS A 58 5.00 -13.41 -31.77
CA HIS A 58 3.99 -14.44 -31.68
C HIS A 58 2.76 -13.95 -32.41
N LYS A 59 2.03 -14.89 -33.01
CA LYS A 59 0.90 -14.60 -33.89
C LYS A 59 -0.18 -13.74 -33.25
N ASP A 60 -0.41 -13.91 -31.94
CA ASP A 60 -1.43 -13.10 -31.23
C ASP A 60 -1.14 -11.61 -31.25
N TYR A 61 0.13 -11.27 -31.29
CA TYR A 61 0.54 -9.87 -31.20
C TYR A 61 0.69 -9.19 -32.56
N VAL A 62 0.43 -9.93 -33.66
CA VAL A 62 0.63 -9.40 -35.03
C VAL A 62 -0.25 -8.19 -35.27
N GLU A 63 -1.53 -8.32 -34.96
CA GLU A 63 -2.49 -7.26 -35.25
C GLU A 63 -2.24 -5.99 -34.45
N ARG A 64 -1.78 -6.14 -33.21
CA ARG A 64 -1.48 -4.98 -32.38
C ARG A 64 -0.14 -4.35 -32.78
N THR A 65 0.78 -5.18 -33.26
CA THR A 65 2.03 -4.70 -33.84
C THR A 65 1.75 -3.87 -35.08
N LYS A 66 0.89 -4.36 -35.97
CA LYS A 66 0.51 -3.56 -37.14
C LYS A 66 0.01 -2.20 -36.70
N LYS A 67 -0.75 -2.18 -35.63
CA LYS A 67 -1.36 -0.96 -35.12
C LYS A 67 -0.30 -0.05 -34.48
N GLU A 68 0.55 -0.58 -33.60
CA GLU A 68 1.64 0.22 -33.04
C GLU A 68 2.54 0.82 -34.15
N LEU A 69 2.78 0.03 -35.18
CA LEU A 69 3.81 0.32 -36.16
C LEU A 69 3.20 0.39 -37.57
N PRO A 70 2.40 1.43 -37.88
CA PRO A 70 1.76 1.45 -39.19
C PRO A 70 2.74 1.59 -40.36
N GLU A 71 3.93 2.13 -40.11
CA GLU A 71 4.93 2.30 -41.17
C GLU A 71 5.54 0.98 -41.62
N LEU A 72 5.48 -0.04 -40.79
CA LEU A 72 6.10 -1.34 -41.11
C LEU A 72 5.30 -2.11 -42.13
N PRO A 73 5.95 -2.60 -43.22
CA PRO A 73 5.19 -3.47 -44.11
C PRO A 73 4.75 -4.76 -43.42
N ASP A 74 3.52 -5.18 -43.70
CA ASP A 74 2.89 -6.35 -43.08
C ASP A 74 3.74 -7.59 -43.28
N GLU A 75 4.26 -7.73 -44.49
CA GLU A 75 5.15 -8.84 -44.85
C GLU A 75 6.39 -8.87 -43.97
N ASN A 76 6.75 -7.74 -43.38
CA ASN A 76 7.90 -7.67 -42.46
C ASN A 76 7.59 -8.02 -41.00
N ILE A 77 6.35 -8.41 -40.71
CA ILE A 77 6.00 -8.99 -39.41
C ILE A 77 5.97 -10.49 -39.60
N ILE A 78 6.90 -11.21 -38.96
CA ILE A 78 6.92 -12.66 -39.00
C ILE A 78 6.19 -13.23 -37.78
N ALA A 79 5.05 -13.88 -38.04
CA ALA A 79 4.18 -14.43 -37.03
C ALA A 79 4.69 -15.79 -36.58
N GLU A 80 5.04 -15.91 -35.30
CA GLU A 80 5.54 -17.18 -34.77
C GLU A 80 4.40 -18.08 -34.34
N PRO A 81 4.51 -19.37 -34.63
CA PRO A 81 3.48 -20.37 -34.28
C PRO A 81 3.32 -20.57 -32.78
N MET A 82 4.41 -20.38 -32.03
CA MET A 82 4.39 -20.47 -30.57
C MET A 82 5.66 -19.86 -29.99
N LYS A 83 5.68 -19.70 -28.67
CA LYS A 83 6.81 -19.04 -27.99
C LYS A 83 7.96 -20.02 -27.83
N LYS A 84 9.04 -19.78 -28.58
CA LYS A 84 10.22 -20.62 -28.53
C LYS A 84 11.45 -19.85 -28.03
N ASN A 85 11.25 -18.64 -27.51
CA ASN A 85 12.34 -17.80 -27.02
C ASN A 85 13.18 -17.31 -28.21
N THR A 86 14.27 -16.60 -27.93
CA THR A 86 14.94 -15.76 -28.94
C THR A 86 15.81 -16.46 -30.00
N ALA A 87 16.34 -17.65 -29.71
CA ALA A 87 17.23 -18.30 -30.67
C ALA A 87 16.54 -18.65 -32.01
N PRO A 88 15.33 -19.24 -31.95
CA PRO A 88 14.62 -19.53 -33.20
C PRO A 88 14.11 -18.26 -33.89
N ALA A 89 13.64 -17.30 -33.11
CA ALA A 89 13.28 -15.98 -33.64
C ALA A 89 14.46 -15.36 -34.40
N CYS A 90 15.63 -15.34 -33.76
CA CYS A 90 16.83 -14.78 -34.39
C CYS A 90 17.15 -15.49 -35.70
N PHE A 91 17.02 -16.82 -35.68
CA PHE A 91 17.38 -17.61 -36.81
C PHE A 91 16.51 -17.26 -38.00
N ILE A 92 15.18 -17.27 -37.80
CA ILE A 92 14.25 -17.09 -38.92
C ILE A 92 14.26 -15.67 -39.45
N GLY A 93 14.41 -14.71 -38.56
CA GLY A 93 14.52 -13.32 -38.95
C GLY A 93 15.81 -13.05 -39.70
N THR A 94 16.90 -13.60 -39.20
CA THR A 94 18.22 -13.44 -39.83
C THR A 94 18.30 -14.09 -41.22
N LYS A 95 17.61 -15.23 -41.39
CA LYS A 95 17.52 -15.93 -42.66
C LYS A 95 16.92 -15.06 -43.74
N LEU A 96 16.16 -14.03 -43.37
CA LEU A 96 15.59 -13.13 -44.37
C LEU A 96 16.57 -12.14 -44.96
N ALA A 97 17.73 -11.96 -44.33
CA ALA A 97 18.79 -11.09 -44.86
C ALA A 97 19.64 -11.84 -45.93
N ASP A 98 20.44 -11.11 -46.70
CA ASP A 98 21.45 -11.70 -47.57
C ASP A 98 22.60 -12.22 -46.70
N ASP A 99 23.28 -13.27 -47.17
CA ASP A 99 24.39 -13.89 -46.43
C ASP A 99 25.40 -12.89 -45.83
N ASP A 100 25.73 -11.85 -46.60
CA ASP A 100 26.81 -10.93 -46.25
C ASP A 100 26.29 -9.64 -45.56
N GLU A 101 24.98 -9.61 -45.33
CA GLU A 101 24.29 -8.47 -44.77
C GLU A 101 24.34 -8.50 -43.23
N PRO A 102 24.70 -7.38 -42.60
CA PRO A 102 24.58 -7.28 -41.14
C PRO A 102 23.12 -7.22 -40.70
N VAL A 103 22.87 -7.77 -39.53
CA VAL A 103 21.55 -7.80 -38.93
C VAL A 103 21.71 -7.31 -37.48
N LEU A 104 21.08 -6.17 -37.19
CA LEU A 104 21.03 -5.63 -35.85
C LEU A 104 19.81 -6.22 -35.17
N VAL A 105 20.04 -6.96 -34.10
CA VAL A 105 18.99 -7.66 -33.37
C VAL A 105 18.68 -6.91 -32.07
N LEU A 106 17.46 -6.42 -31.94
CA LEU A 106 17.00 -5.53 -30.86
C LEU A 106 15.78 -6.07 -30.13
N PRO A 107 15.82 -6.07 -28.81
CA PRO A 107 14.59 -6.31 -28.04
C PRO A 107 13.66 -5.14 -28.20
N ALA A 108 12.38 -5.44 -28.18
CA ALA A 108 11.34 -4.46 -28.36
C ALA A 108 11.07 -3.65 -27.11
N ASP A 109 11.53 -4.09 -25.95
CA ASP A 109 10.99 -3.58 -24.70
C ASP A 109 12.03 -3.07 -23.72
N HIS A 110 13.11 -2.47 -24.25
CA HIS A 110 14.13 -1.72 -23.52
C HIS A 110 13.95 -0.21 -23.68
N ARG A 111 14.71 0.57 -22.94
CA ARG A 111 14.64 2.00 -23.05
C ARG A 111 16.03 2.60 -23.23
N ILE A 112 16.23 3.26 -24.36
CA ILE A 112 17.48 3.95 -24.70
C ILE A 112 17.08 5.33 -25.18
N PRO A 113 17.17 6.35 -24.31
CA PRO A 113 16.63 7.67 -24.70
C PRO A 113 17.46 8.45 -25.73
N ASP A 114 18.77 8.24 -25.74
CA ASP A 114 19.62 8.94 -26.67
C ASP A 114 19.84 8.11 -27.94
N THR A 115 18.97 8.37 -28.91
CA THR A 115 18.95 7.64 -30.14
C THR A 115 20.19 7.97 -30.99
N LYS A 116 20.80 9.15 -30.80
CA LYS A 116 22.03 9.48 -31.55
C LYS A 116 23.26 8.74 -30.98
N LYS A 117 23.40 8.72 -29.66
CA LYS A 117 24.44 7.90 -29.05
C LYS A 117 24.23 6.41 -29.39
N PHE A 118 22.98 5.96 -29.45
CA PHE A 118 22.68 4.58 -29.84
C PHE A 118 23.27 4.28 -31.21
N TRP A 119 22.93 5.10 -32.17
CA TRP A 119 23.44 4.90 -33.51
C TRP A 119 24.96 5.14 -33.63
N LYS A 120 25.52 6.04 -32.83
CA LYS A 120 26.97 6.17 -32.71
C LYS A 120 27.61 4.80 -32.44
N THR A 121 27.09 4.11 -31.43
CA THR A 121 27.61 2.81 -31.03
C THR A 121 27.38 1.74 -32.10
N VAL A 122 26.18 1.69 -32.65
CA VAL A 122 25.92 0.76 -33.71
C VAL A 122 26.88 0.98 -34.90
N LYS A 123 27.16 2.22 -35.28
CA LYS A 123 28.10 2.46 -36.40
C LYS A 123 29.53 1.96 -36.07
N LYS A 124 29.95 2.07 -34.81
CA LYS A 124 31.26 1.60 -34.40
C LYS A 124 31.26 0.05 -34.49
N ALA A 125 30.15 -0.57 -34.10
CA ALA A 125 30.04 -2.00 -34.21
C ALA A 125 30.00 -2.47 -35.67
N LEU A 126 29.34 -1.72 -36.55
CA LEU A 126 29.29 -2.09 -37.98
C LEU A 126 30.66 -2.07 -38.57
N ASP A 127 31.39 -0.99 -38.34
CA ASP A 127 32.75 -0.87 -38.82
C ASP A 127 33.63 -2.02 -38.29
N ALA A 128 33.49 -2.33 -37.02
CA ALA A 128 34.26 -3.39 -36.40
C ALA A 128 33.84 -4.76 -36.98
N LEU A 129 32.53 -4.95 -37.20
CA LEU A 129 32.00 -6.16 -37.83
C LEU A 129 32.66 -6.43 -39.19
N GLU A 130 32.87 -5.36 -39.95
CA GLU A 130 33.56 -5.47 -41.25
C GLU A 130 34.99 -5.97 -41.13
N LYS A 131 35.68 -5.55 -40.09
CA LYS A 131 37.08 -5.91 -39.95
C LYS A 131 37.23 -7.31 -39.38
N TYR A 132 36.48 -7.63 -38.33
CA TYR A 132 36.77 -8.82 -37.54
C TYR A 132 35.77 -9.95 -37.66
N ASP A 133 34.60 -9.68 -38.21
CA ASP A 133 33.53 -10.65 -38.20
C ASP A 133 33.17 -11.06 -36.76
N GLY A 134 32.48 -12.19 -36.60
CA GLY A 134 32.09 -12.67 -35.28
C GLY A 134 30.69 -12.23 -34.94
N LEU A 135 30.31 -12.51 -33.69
CA LEU A 135 29.02 -12.10 -33.15
C LEU A 135 29.28 -10.95 -32.17
N PHE A 136 28.63 -9.83 -32.41
CA PHE A 136 28.88 -8.61 -31.63
C PHE A 136 27.81 -8.35 -30.56
N THR A 137 28.28 -8.00 -29.37
CA THR A 137 27.45 -7.67 -28.24
C THR A 137 27.74 -6.22 -27.89
N PHE A 138 26.90 -5.64 -27.02
CA PHE A 138 27.06 -4.26 -26.57
C PHE A 138 27.01 -4.32 -25.06
N GLY A 139 28.12 -3.96 -24.44
CA GLY A 139 28.31 -4.14 -23.00
C GLY A 139 28.05 -2.87 -22.24
N ILE A 140 27.36 -3.01 -21.10
CA ILE A 140 27.04 -1.93 -20.19
C ILE A 140 27.92 -2.13 -18.97
N VAL A 141 28.33 -1.05 -18.32
CA VAL A 141 29.13 -1.15 -17.11
C VAL A 141 28.24 -1.64 -15.98
N PRO A 142 28.58 -2.77 -15.34
CA PRO A 142 27.68 -3.27 -14.28
C PRO A 142 27.78 -2.47 -12.98
N THR A 143 26.62 -2.10 -12.43
CA THR A 143 26.53 -1.39 -11.15
C THR A 143 26.03 -2.27 -9.99
N ARG A 144 25.52 -3.46 -10.30
CA ARG A 144 25.04 -4.40 -9.26
C ARG A 144 25.25 -5.85 -9.70
N PRO A 145 25.25 -6.80 -8.75
CA PRO A 145 25.30 -8.22 -9.10
C PRO A 145 23.95 -8.78 -9.56
N GLU A 146 23.47 -8.27 -10.68
CA GLU A 146 22.23 -8.73 -11.29
C GLU A 146 22.37 -10.14 -11.86
N THR A 147 21.40 -11.00 -11.51
CA THR A 147 21.47 -12.42 -11.86
C THR A 147 20.61 -12.81 -13.07
N GLY A 148 19.82 -11.86 -13.60
CA GLY A 148 19.03 -12.08 -14.82
C GLY A 148 19.69 -11.60 -16.12
N TYR A 149 20.89 -11.03 -16.01
CA TYR A 149 21.70 -10.64 -17.17
C TYR A 149 22.75 -11.66 -17.56
N GLY A 150 23.26 -11.51 -18.77
CA GLY A 150 24.49 -12.15 -19.21
C GLY A 150 25.69 -11.28 -18.89
N TYR A 151 26.81 -11.92 -18.63
CA TYR A 151 28.04 -11.22 -18.35
C TYR A 151 29.02 -11.58 -19.45
N ILE A 152 29.67 -10.56 -19.98
CA ILE A 152 30.63 -10.66 -21.05
C ILE A 152 32.02 -10.37 -20.49
N GLU A 153 32.91 -11.37 -20.48
CA GLU A 153 34.26 -11.10 -20.02
C GLU A 153 35.03 -10.41 -21.11
N ILE A 154 35.54 -9.23 -20.81
CA ILE A 154 36.31 -8.44 -21.77
C ILE A 154 37.62 -9.16 -22.06
N GLY A 155 37.87 -9.43 -23.33
CA GLY A 155 39.10 -10.07 -23.76
C GLY A 155 40.04 -9.08 -24.42
N GLU A 156 40.84 -9.58 -25.34
CA GLU A 156 41.87 -8.79 -25.98
C GLU A 156 41.29 -7.63 -26.80
N GLU A 157 41.94 -6.48 -26.69
CA GLU A 157 41.59 -5.32 -27.50
C GLU A 157 41.86 -5.57 -28.98
N LEU A 158 40.80 -5.69 -29.78
CA LEU A 158 40.96 -5.87 -31.22
C LEU A 158 41.41 -4.55 -31.79
N GLU A 159 40.72 -3.50 -31.41
CA GLU A 159 41.24 -2.16 -31.51
C GLU A 159 40.57 -1.33 -30.41
N GLU A 160 41.04 -0.10 -30.20
CA GLU A 160 40.45 0.78 -29.19
C GLU A 160 38.95 0.70 -29.32
N GLY A 161 38.25 0.43 -28.21
CA GLY A 161 36.79 0.40 -28.15
C GLY A 161 36.11 -0.93 -28.49
N VAL A 162 36.89 -1.88 -29.03
CA VAL A 162 36.35 -3.15 -29.50
C VAL A 162 37.21 -4.26 -28.94
N HIS A 163 36.59 -5.22 -28.28
CA HIS A 163 37.33 -6.31 -27.66
C HIS A 163 36.80 -7.66 -28.08
N LYS A 164 37.66 -8.67 -28.03
CA LYS A 164 37.22 -10.05 -28.06
C LYS A 164 36.54 -10.32 -26.73
N VAL A 165 35.77 -11.40 -26.68
CA VAL A 165 35.09 -11.84 -25.48
C VAL A 165 35.74 -13.15 -24.97
N ALA A 166 36.48 -13.06 -23.87
CA ALA A 166 37.07 -14.23 -23.23
C ALA A 166 36.01 -15.26 -22.85
N GLN A 167 34.86 -14.79 -22.38
CA GLN A 167 33.71 -15.67 -22.10
C GLN A 167 32.39 -14.91 -21.93
N PHE A 168 31.30 -15.63 -22.22
CA PHE A 168 29.93 -15.12 -22.11
C PHE A 168 29.20 -16.03 -21.12
N ARG A 169 28.70 -15.46 -20.03
CA ARG A 169 28.01 -16.25 -19.01
C ARG A 169 26.61 -15.71 -18.81
N GLU A 170 25.61 -16.52 -19.15
CA GLU A 170 24.20 -16.07 -19.12
C GLU A 170 23.63 -16.43 -17.78
N LYS A 171 23.13 -15.41 -17.08
CA LYS A 171 22.40 -15.60 -15.82
C LYS A 171 23.16 -16.44 -14.80
N PRO A 172 24.30 -15.91 -14.31
CA PRO A 172 25.02 -16.54 -13.23
C PRO A 172 24.28 -16.43 -11.90
N ASP A 173 24.59 -17.33 -10.99
CA ASP A 173 24.12 -17.26 -9.61
C ASP A 173 24.70 -16.05 -8.90
N LEU A 174 24.12 -15.68 -7.76
CA LEU A 174 24.48 -14.43 -7.08
C LEU A 174 25.96 -14.34 -6.80
N GLU A 175 26.53 -15.37 -6.17
CA GLU A 175 27.93 -15.33 -5.75
C GLU A 175 28.88 -15.24 -6.95
N THR A 176 28.58 -15.96 -8.02
CA THR A 176 29.36 -15.80 -9.26
C THR A 176 29.28 -14.36 -9.78
N ALA A 177 28.06 -13.81 -9.82
CA ALA A 177 27.81 -12.45 -10.32
C ALA A 177 28.54 -11.38 -9.49
N LYS A 178 28.57 -11.58 -8.18
CA LYS A 178 29.36 -10.72 -7.29
C LYS A 178 30.83 -10.68 -7.72
N LYS A 179 31.42 -11.86 -7.90
CA LYS A 179 32.83 -11.98 -8.23
C LYS A 179 33.13 -11.37 -9.61
N PHE A 180 32.19 -11.52 -10.55
CA PHE A 180 32.35 -10.90 -11.86
C PHE A 180 32.45 -9.39 -11.72
N VAL A 181 31.46 -8.79 -11.07
CA VAL A 181 31.39 -7.33 -10.91
C VAL A 181 32.61 -6.80 -10.17
N GLU A 182 33.08 -7.56 -9.20
CA GLU A 182 34.19 -7.18 -8.34
C GLU A 182 35.56 -7.27 -9.04
N SER A 183 35.65 -8.11 -10.07
CA SER A 183 36.88 -8.26 -10.85
C SER A 183 37.16 -7.04 -11.76
N GLY A 184 36.11 -6.40 -12.26
CA GLY A 184 36.24 -5.27 -13.18
C GLY A 184 36.49 -5.70 -14.62
N ARG A 185 36.39 -7.00 -14.88
CA ARG A 185 36.73 -7.57 -16.20
C ARG A 185 35.48 -7.85 -17.03
N PHE A 186 34.31 -7.49 -16.51
CA PHE A 186 33.04 -7.86 -17.16
C PHE A 186 32.12 -6.70 -17.46
N LEU A 187 31.35 -6.88 -18.53
CA LEU A 187 30.25 -6.01 -18.85
C LEU A 187 28.96 -6.81 -18.86
N TRP A 188 27.84 -6.12 -18.63
CA TRP A 188 26.52 -6.73 -18.79
C TRP A 188 26.19 -6.83 -20.28
N ASN A 189 25.59 -7.95 -20.71
CA ASN A 189 25.03 -8.06 -22.07
C ASN A 189 23.77 -7.21 -22.13
N SER A 190 23.73 -6.28 -23.08
CA SER A 190 22.58 -5.37 -23.19
C SER A 190 21.44 -6.05 -23.93
N GLY A 191 21.69 -7.24 -24.46
CA GLY A 191 20.62 -8.06 -25.04
C GLY A 191 20.41 -7.69 -26.50
N MET A 192 21.20 -6.78 -27.03
CA MET A 192 21.18 -6.58 -28.47
C MET A 192 22.46 -7.14 -29.12
N PHE A 193 22.32 -7.55 -30.38
CA PHE A 193 23.39 -8.20 -31.10
C PHE A 193 23.53 -7.65 -32.49
N LEU A 194 24.71 -7.87 -33.05
CA LEU A 194 24.99 -7.57 -34.47
C LEU A 194 25.82 -8.70 -35.09
N TRP A 195 25.36 -9.17 -36.24
CA TRP A 195 26.10 -10.16 -36.99
C TRP A 195 25.71 -10.14 -38.47
N LYS A 196 26.59 -10.70 -39.28
CA LYS A 196 26.25 -10.97 -40.67
C LYS A 196 25.38 -12.24 -40.70
N ALA A 197 24.30 -12.20 -41.48
CA ALA A 197 23.31 -13.29 -41.55
C ALA A 197 23.94 -14.68 -41.67
N ARG A 198 24.74 -14.88 -42.70
CA ARG A 198 25.38 -16.17 -42.94
C ARG A 198 26.21 -16.65 -41.74
N GLU A 199 26.99 -15.74 -41.17
CA GLU A 199 27.88 -16.12 -40.08
C GLU A 199 27.11 -16.59 -38.83
N PHE A 200 25.99 -15.95 -38.53
CA PHE A 200 25.16 -16.39 -37.43
C PHE A 200 24.47 -17.73 -37.73
N ILE A 201 24.02 -17.91 -38.98
CA ILE A 201 23.38 -19.14 -39.39
C ILE A 201 24.34 -20.32 -39.18
N GLU A 202 25.59 -20.18 -39.62
CA GLU A 202 26.59 -21.23 -39.39
C GLU A 202 26.91 -21.43 -37.90
N GLU A 203 26.92 -20.36 -37.10
CA GLU A 203 27.15 -20.56 -35.67
C GLU A 203 26.00 -21.33 -35.05
N VAL A 204 24.78 -21.21 -35.58
CA VAL A 204 23.67 -22.02 -35.06
C VAL A 204 23.86 -23.48 -35.50
N LYS A 205 24.26 -23.71 -36.75
CA LYS A 205 24.57 -25.05 -37.24
C LYS A 205 25.45 -25.78 -36.23
N VAL A 206 26.62 -25.20 -35.97
CA VAL A 206 27.56 -25.72 -34.96
C VAL A 206 26.92 -25.79 -33.56
N CYS A 207 26.57 -24.64 -33.04
CA CYS A 207 26.10 -24.48 -31.69
C CYS A 207 24.80 -25.15 -31.33
N GLU A 208 23.82 -25.15 -32.20
CA GLU A 208 22.57 -25.74 -31.81
C GLU A 208 21.88 -26.26 -33.04
N PRO A 209 22.26 -27.46 -33.47
CA PRO A 209 21.77 -28.02 -34.73
C PRO A 209 20.28 -28.22 -34.77
N SER A 210 19.69 -28.48 -33.63
CA SER A 210 18.26 -28.79 -33.56
C SER A 210 17.42 -27.65 -34.17
N ILE A 211 17.87 -26.41 -33.99
CA ILE A 211 17.24 -25.26 -34.63
C ILE A 211 17.57 -25.23 -36.12
N TYR A 212 18.85 -25.33 -36.46
CA TYR A 212 19.30 -25.13 -37.83
C TYR A 212 18.71 -26.17 -38.80
N GLU A 213 18.84 -27.45 -38.47
CA GLU A 213 18.40 -28.52 -39.36
C GLU A 213 16.90 -28.47 -39.65
N ASN A 214 16.12 -27.98 -38.69
CA ASN A 214 14.67 -27.87 -38.86
C ASN A 214 14.18 -26.59 -39.53
N LEU A 215 14.94 -25.50 -39.43
CA LEU A 215 14.51 -24.22 -40.00
C LEU A 215 15.22 -23.80 -41.30
N LYS A 216 16.37 -24.41 -41.61
CA LYS A 216 17.21 -24.01 -42.74
C LYS A 216 16.45 -23.83 -44.06
N ASP A 217 15.47 -24.70 -44.29
CA ASP A 217 14.70 -24.72 -45.54
C ASP A 217 13.36 -23.99 -45.40
N VAL A 218 13.05 -23.52 -44.20
CA VAL A 218 11.72 -22.98 -43.90
C VAL A 218 11.56 -21.58 -44.46
N ASP A 219 10.40 -21.32 -45.09
CA ASP A 219 9.99 -19.98 -45.43
C ASP A 219 9.33 -19.43 -44.17
N PRO A 220 9.97 -18.46 -43.51
CA PRO A 220 9.40 -17.87 -42.31
C PRO A 220 8.02 -17.25 -42.51
N ARG A 221 7.70 -16.83 -43.72
CA ARG A 221 6.41 -16.19 -43.97
C ARG A 221 5.27 -17.18 -44.13
N ASN A 222 5.58 -18.44 -44.43
CA ASN A 222 4.57 -19.48 -44.56
C ASN A 222 4.28 -20.11 -43.20
N PHE A 223 3.15 -19.72 -42.62
CA PHE A 223 2.82 -20.06 -41.23
C PHE A 223 2.70 -21.56 -41.02
N GLU A 224 2.08 -22.25 -41.97
CA GLU A 224 1.90 -23.70 -41.85
C GLU A 224 3.23 -24.43 -41.80
N GLU A 225 4.13 -24.11 -42.72
CA GLU A 225 5.46 -24.73 -42.72
C GLU A 225 6.23 -24.32 -41.45
N LEU A 226 5.99 -23.11 -40.93
CA LEU A 226 6.69 -22.64 -39.73
C LEU A 226 6.18 -23.42 -38.52
N LYS A 227 4.87 -23.55 -38.41
CA LYS A 227 4.24 -24.28 -37.31
C LYS A 227 4.77 -25.70 -37.17
N LYS A 228 4.90 -26.41 -38.30
CA LYS A 228 5.41 -27.77 -38.25
C LYS A 228 6.88 -27.78 -37.81
N ALA A 229 7.69 -26.92 -38.44
CA ALA A 229 9.11 -26.78 -38.05
C ALA A 229 9.28 -26.46 -36.57
N TYR A 230 8.56 -25.45 -36.09
CA TYR A 230 8.67 -24.98 -34.70
C TYR A 230 8.31 -26.01 -33.63
N GLU A 231 7.50 -27.00 -33.97
CA GLU A 231 7.16 -28.08 -33.03
C GLU A 231 8.37 -28.98 -32.79
N LYS A 232 9.09 -29.29 -33.85
CA LYS A 232 10.34 -30.05 -33.77
C LYS A 232 11.48 -29.22 -33.15
N VAL A 233 11.28 -27.91 -32.99
CA VAL A 233 12.31 -27.01 -32.53
C VAL A 233 12.27 -26.75 -31.01
N PRO A 234 13.45 -26.74 -30.35
CA PRO A 234 13.55 -26.47 -28.93
C PRO A 234 13.31 -25.02 -28.59
N SER A 235 12.75 -24.77 -27.42
CA SER A 235 12.62 -23.43 -26.89
C SER A 235 13.88 -23.07 -26.10
N ILE A 236 14.65 -22.10 -26.61
CA ILE A 236 15.85 -21.61 -25.92
C ILE A 236 16.30 -20.23 -26.44
N SER A 237 16.86 -19.41 -25.56
CA SER A 237 17.38 -18.09 -25.92
C SER A 237 18.68 -18.19 -26.75
N VAL A 238 19.00 -17.09 -27.44
CA VAL A 238 20.21 -17.04 -28.27
C VAL A 238 21.46 -17.04 -27.39
N ASP A 239 21.29 -16.52 -26.19
CA ASP A 239 22.37 -16.38 -25.23
C ASP A 239 22.91 -17.74 -24.80
N TYR A 240 22.01 -18.66 -24.44
CA TYR A 240 22.39 -20.05 -24.08
C TYR A 240 22.64 -20.90 -25.31
N ALA A 241 21.77 -20.76 -26.31
CA ALA A 241 21.87 -21.56 -27.51
C ALA A 241 23.21 -21.31 -28.21
N VAL A 242 23.60 -20.03 -28.30
CA VAL A 242 24.74 -19.65 -29.13
C VAL A 242 25.84 -18.86 -28.42
N MET A 243 25.46 -17.79 -27.72
CA MET A 243 26.45 -16.84 -27.22
C MET A 243 27.42 -17.48 -26.22
N GLU A 244 26.88 -18.23 -25.26
CA GLU A 244 27.67 -18.98 -24.28
C GLU A 244 28.64 -20.00 -24.90
N LYS A 245 28.36 -20.46 -26.11
CA LYS A 245 29.13 -21.53 -26.76
C LYS A 245 30.03 -21.05 -27.90
N SER A 246 29.71 -19.90 -28.51
CA SER A 246 30.47 -19.45 -29.70
C SER A 246 31.90 -19.06 -29.37
N LYS A 247 32.78 -19.30 -30.34
CA LYS A 247 34.21 -19.05 -30.18
C LYS A 247 34.60 -17.66 -30.70
N LYS A 248 33.63 -16.94 -31.29
CA LYS A 248 33.96 -15.67 -31.95
C LYS A 248 33.00 -14.53 -31.57
N VAL A 249 32.90 -14.27 -30.28
CA VAL A 249 32.10 -13.14 -29.76
C VAL A 249 32.98 -11.89 -29.58
N ARG A 250 32.41 -10.73 -29.88
CA ARG A 250 33.08 -9.44 -29.67
C ARG A 250 32.17 -8.54 -28.87
N VAL A 251 32.78 -7.60 -28.14
CA VAL A 251 32.02 -6.60 -27.40
C VAL A 251 32.47 -5.19 -27.75
N VAL A 252 31.50 -4.31 -27.97
CA VAL A 252 31.74 -2.87 -27.89
C VAL A 252 31.04 -2.28 -26.68
N LYS A 253 31.62 -1.21 -26.17
CA LYS A 253 31.12 -0.57 -24.99
C LYS A 253 29.97 0.31 -25.48
N ALA A 254 28.84 0.32 -24.76
CA ALA A 254 27.70 1.16 -25.16
C ALA A 254 27.99 2.65 -24.92
N ASP A 255 27.77 3.46 -25.95
CA ASP A 255 27.93 4.92 -25.85
C ASP A 255 26.66 5.55 -25.22
N PHE A 256 25.78 4.76 -24.63
CA PHE A 256 24.45 5.28 -24.22
C PHE A 256 23.86 4.74 -22.92
N GLU A 257 23.03 5.59 -22.28
CA GLU A 257 22.27 5.18 -21.12
CA GLU A 257 22.20 5.25 -21.12
C GLU A 257 21.20 4.17 -21.55
N TRP A 258 21.01 3.14 -20.72
CA TRP A 258 20.18 1.99 -21.07
C TRP A 258 19.43 1.43 -19.87
N SER A 259 18.24 0.85 -20.12
CA SER A 259 17.53 -0.04 -19.15
C SER A 259 16.68 -1.12 -19.81
N ASP A 260 16.65 -2.34 -19.23
CA ASP A 260 15.74 -3.41 -19.69
C ASP A 260 14.35 -3.32 -19.01
N LEU A 261 14.19 -2.31 -18.14
CA LEU A 261 12.96 -2.07 -17.41
C LEU A 261 12.41 -3.38 -16.79
N GLY A 262 13.20 -3.97 -15.90
CA GLY A 262 12.86 -5.29 -15.30
C GLY A 262 11.56 -5.25 -14.45
N ASN A 263 11.36 -4.13 -13.72
CA ASN A 263 10.25 -4.04 -12.77
C ASN A 263 9.93 -2.60 -12.36
N TRP A 264 8.95 -2.41 -11.48
CA TRP A 264 8.55 -1.06 -11.05
C TRP A 264 9.71 -0.26 -10.48
N SER A 265 10.68 -0.94 -9.89
CA SER A 265 11.84 -0.23 -9.34
C SER A 265 12.67 0.40 -10.49
N SER A 266 12.71 -0.30 -11.62
CA SER A 266 13.41 0.26 -12.81
C SER A 266 12.80 1.57 -13.22
N VAL A 267 11.48 1.67 -13.07
CA VAL A 267 10.78 2.89 -13.41
C VAL A 267 11.10 3.98 -12.43
N ARG A 268 11.12 3.64 -11.13
CA ARG A 268 11.45 4.66 -10.14
C ARG A 268 12.85 5.23 -10.39
N GLU A 269 13.76 4.36 -10.76
CA GLU A 269 15.16 4.75 -11.05
C GLU A 269 15.21 5.86 -12.10
N ILE A 270 14.29 5.82 -13.05
CA ILE A 270 14.25 6.78 -14.13
C ILE A 270 13.49 8.05 -13.78
N GLU A 271 12.37 7.91 -13.08
CA GLU A 271 11.51 9.07 -12.81
C GLU A 271 11.80 9.73 -11.48
N GLY A 272 12.38 8.97 -10.57
CA GLY A 272 12.57 9.42 -9.20
C GLY A 272 11.44 8.98 -8.26
N TYR A 273 11.74 9.04 -6.98
CA TYR A 273 10.73 8.94 -5.94
C TYR A 273 9.64 10.02 -6.11
N THR A 274 8.52 9.83 -5.42
CA THR A 274 7.39 10.72 -5.59
C THR A 274 7.39 11.72 -4.44
N GLU A 275 7.05 12.96 -4.79
CA GLU A 275 6.94 14.04 -3.83
C GLU A 275 5.53 14.11 -3.30
N GLU A 276 5.42 14.58 -2.06
CA GLU A 276 4.15 14.86 -1.43
C GLU A 276 3.36 15.88 -2.25
N SER A 277 2.04 15.79 -2.21
CA SER A 277 1.17 16.67 -2.97
C SER A 277 -0.26 16.51 -2.44
N ASP A 278 -1.23 17.09 -3.15
CA ASP A 278 -2.63 17.02 -2.74
C ASP A 278 -3.19 15.64 -2.94
N GLU A 279 -2.47 14.81 -3.69
CA GLU A 279 -2.86 13.44 -4.02
C GLU A 279 -1.93 12.38 -3.43
N VAL A 280 -0.79 12.79 -2.90
CA VAL A 280 0.15 11.83 -2.35
C VAL A 280 0.58 12.39 -1.01
N ILE A 281 0.10 11.77 0.06
CA ILE A 281 0.39 12.24 1.44
C ILE A 281 1.35 11.31 2.13
N LEU A 282 2.48 11.85 2.57
CA LEU A 282 3.50 11.06 3.23
C LEU A 282 3.73 11.48 4.71
N VAL A 283 3.44 10.58 5.64
CA VAL A 283 3.68 10.78 7.07
C VAL A 283 4.69 9.73 7.51
N ASP A 284 5.85 10.16 8.01
CA ASP A 284 6.92 9.23 8.41
C ASP A 284 7.30 8.21 7.35
N SER A 285 7.32 8.66 6.10
CA SER A 285 7.53 7.78 4.96
C SER A 285 8.53 8.41 4.01
N ASP A 286 9.66 7.73 3.75
CA ASP A 286 10.68 8.19 2.80
C ASP A 286 10.82 7.28 1.59
N ARG A 287 11.29 7.85 0.48
CA ARG A 287 11.66 7.07 -0.69
C ARG A 287 10.47 6.20 -1.12
N VAL A 288 9.38 6.88 -1.45
CA VAL A 288 8.17 6.19 -1.91
C VAL A 288 7.97 6.48 -3.38
N PHE A 289 7.46 5.50 -4.10
CA PHE A 289 7.12 5.67 -5.48
C PHE A 289 5.64 5.33 -5.61
N VAL A 290 4.85 6.35 -5.93
CA VAL A 290 3.42 6.28 -5.93
C VAL A 290 2.82 6.80 -7.21
N LYS A 291 1.99 5.98 -7.85
CA LYS A 291 1.23 6.35 -8.99
C LYS A 291 -0.25 6.32 -8.66
N THR A 292 -0.84 7.50 -8.59
CA THR A 292 -2.22 7.65 -8.17
C THR A 292 -3.11 7.39 -9.37
N HIS A 293 -4.35 6.99 -9.08
CA HIS A 293 -5.35 6.84 -10.14
C HIS A 293 -6.36 7.96 -9.96
N ASN A 294 -7.40 7.75 -9.18
CA ASN A 294 -8.53 8.70 -9.12
C ASN A 294 -8.78 9.27 -7.72
N LYS A 295 -7.83 9.05 -6.80
CA LYS A 295 -8.00 9.46 -5.43
C LYS A 295 -6.69 9.61 -4.66
N PRO A 296 -6.71 10.33 -3.54
CA PRO A 296 -5.48 10.46 -2.79
C PRO A 296 -4.95 9.13 -2.24
N ILE A 297 -3.65 9.01 -2.17
CA ILE A 297 -3.03 7.90 -1.53
C ILE A 297 -2.20 8.43 -0.36
N ALA A 298 -2.45 7.93 0.85
CA ALA A 298 -1.58 8.26 2.00
C ALA A 298 -0.77 7.06 2.44
N VAL A 299 0.52 7.29 2.65
CA VAL A 299 1.48 6.28 3.08
C VAL A 299 2.08 6.71 4.42
N VAL A 300 1.85 5.91 5.47
CA VAL A 300 2.20 6.28 6.85
C VAL A 300 3.12 5.26 7.48
N GLY A 301 4.32 5.67 7.89
CA GLY A 301 5.24 4.78 8.59
C GLY A 301 6.05 3.78 7.78
N LEU A 302 6.20 4.05 6.48
CA LEU A 302 6.79 3.10 5.56
C LEU A 302 7.70 3.82 4.60
N SER A 303 8.87 3.22 4.36
CA SER A 303 9.81 3.76 3.43
C SER A 303 10.16 2.68 2.39
N ASP A 304 10.68 3.12 1.24
CA ASP A 304 11.18 2.21 0.21
C ASP A 304 10.07 1.32 -0.32
N VAL A 305 8.95 1.94 -0.65
CA VAL A 305 7.75 1.21 -1.08
C VAL A 305 7.21 1.80 -2.36
N ILE A 306 6.61 0.93 -3.14
CA ILE A 306 5.99 1.27 -4.40
C ILE A 306 4.51 1.07 -4.20
N VAL A 307 3.71 2.05 -4.62
CA VAL A 307 2.28 1.95 -4.56
C VAL A 307 1.75 2.33 -5.94
N ILE A 308 1.05 1.43 -6.58
CA ILE A 308 0.49 1.67 -7.92
C ILE A 308 -0.98 1.38 -7.89
N ASP A 309 -1.78 2.39 -8.21
CA ASP A 309 -3.22 2.28 -8.22
C ASP A 309 -3.68 2.44 -9.66
N THR A 310 -4.42 1.45 -10.16
CA THR A 310 -5.03 1.52 -11.46
C THR A 310 -6.39 0.84 -11.38
N PRO A 311 -7.25 1.04 -12.39
CA PRO A 311 -8.55 0.40 -12.36
C PRO A 311 -8.50 -1.13 -12.18
N ASN A 312 -7.38 -1.77 -12.52
CA ASN A 312 -7.20 -3.23 -12.40
C ASN A 312 -6.87 -3.74 -11.00
N GLY A 313 -6.34 -2.86 -10.15
CA GLY A 313 -5.88 -3.29 -8.85
C GLY A 313 -4.93 -2.27 -8.24
N ILE A 314 -4.49 -2.57 -7.03
CA ILE A 314 -3.54 -1.74 -6.31
C ILE A 314 -2.41 -2.65 -5.93
N LEU A 315 -1.18 -2.24 -6.21
CA LEU A 315 0.04 -2.91 -5.70
C LEU A 315 0.71 -2.07 -4.63
N ILE A 316 1.08 -2.72 -3.53
CA ILE A 316 1.82 -2.14 -2.44
C ILE A 316 3.02 -3.07 -2.25
N CYS A 317 4.19 -2.56 -2.61
CA CYS A 317 5.35 -3.41 -2.83
C CYS A 317 6.55 -2.80 -2.20
N LYS A 318 7.16 -3.56 -1.31
CA LYS A 318 8.48 -3.24 -0.77
C LYS A 318 9.45 -3.26 -1.96
N GLU A 319 10.23 -2.19 -2.11
CA GLU A 319 11.07 -1.97 -3.29
C GLU A 319 11.91 -3.16 -3.71
N GLU A 320 12.68 -3.71 -2.78
CA GLU A 320 13.57 -4.82 -3.08
C GLU A 320 12.84 -6.09 -3.49
N TYR A 321 11.51 -6.12 -3.33
CA TYR A 321 10.67 -7.25 -3.75
C TYR A 321 10.00 -7.07 -5.11
N ALA A 322 10.31 -5.98 -5.82
CA ALA A 322 9.65 -5.67 -7.10
C ALA A 322 9.58 -6.81 -8.15
N GLN A 323 10.57 -7.71 -8.17
CA GLN A 323 10.54 -8.90 -9.06
C GLN A 323 9.37 -9.82 -8.74
N LYS A 324 8.98 -9.87 -7.48
CA LYS A 324 7.98 -10.83 -7.03
C LYS A 324 6.55 -10.50 -7.47
N VAL A 325 6.35 -9.36 -8.12
CA VAL A 325 5.05 -9.07 -8.71
C VAL A 325 4.68 -10.17 -9.69
N ARG A 326 5.68 -10.84 -10.27
CA ARG A 326 5.45 -12.06 -11.04
C ARG A 326 4.56 -13.00 -10.23
N GLU A 327 4.90 -13.24 -8.97
CA GLU A 327 4.13 -14.20 -8.15
C GLU A 327 2.72 -13.69 -7.91
N VAL A 328 2.55 -12.38 -7.81
CA VAL A 328 1.20 -11.80 -7.65
C VAL A 328 0.31 -12.18 -8.80
N VAL A 329 0.86 -12.11 -10.01
CA VAL A 329 0.12 -12.44 -11.21
C VAL A 329 -0.21 -13.94 -11.28
N LYS A 330 0.73 -14.79 -10.88
CA LYS A 330 0.51 -16.24 -10.80
C LYS A 330 -0.70 -16.59 -9.93
N LYS A 331 -0.85 -15.88 -8.82
CA LYS A 331 -1.94 -16.15 -7.88
C LYS A 331 -3.24 -15.58 -8.39
N LEU A 332 -3.16 -14.43 -9.02
CA LEU A 332 -4.34 -13.68 -9.38
C LEU A 332 -5.03 -14.33 -10.57
N PHE A 333 -4.24 -14.85 -11.52
CA PHE A 333 -4.81 -15.48 -12.74
C PHE A 333 -4.41 -16.95 -12.89
N ARG A 334 -4.70 -17.75 -11.87
CA ARG A 334 -4.55 -19.21 -11.91
C ARG A 334 -5.92 -19.85 -12.08
N VAL B 1 -34.90 8.75 38.89
CA VAL B 1 -34.48 7.30 38.80
C VAL B 1 -33.08 7.09 38.22
N MET B 2 -32.91 7.29 36.92
CA MET B 2 -31.60 7.07 36.29
C MET B 2 -31.49 7.79 34.94
N LYS B 3 -30.34 8.38 34.70
CA LYS B 3 -30.10 9.07 33.43
C LYS B 3 -28.90 8.44 32.75
N ALA B 4 -28.96 8.32 31.43
CA ALA B 4 -27.82 7.96 30.61
C ALA B 4 -27.39 9.14 29.74
N LEU B 5 -26.09 9.48 29.82
CA LEU B 5 -25.49 10.57 29.06
C LEU B 5 -24.49 9.99 28.06
N ILE B 6 -24.81 10.08 26.77
CA ILE B 6 -23.93 9.67 25.69
C ILE B 6 -23.11 10.87 25.20
N LEU B 7 -21.79 10.76 25.31
CA LEU B 7 -20.88 11.84 24.91
C LEU B 7 -20.43 11.53 23.49
N ALA B 8 -20.77 12.42 22.55
CA ALA B 8 -20.46 12.23 21.13
C ALA B 8 -19.52 13.32 20.63
N GLY B 9 -18.25 13.22 21.04
CA GLY B 9 -17.22 14.23 20.75
C GLY B 9 -16.78 14.35 19.30
N GLY B 10 -17.16 13.40 18.45
CA GLY B 10 -16.91 13.47 16.99
C GLY B 10 -15.46 13.47 16.55
N SER B 11 -14.62 12.73 17.26
CA SER B 11 -13.33 12.38 16.72
C SER B 11 -13.55 11.51 15.46
N GLY B 12 -12.49 11.33 14.69
CA GLY B 12 -12.50 10.42 13.55
C GLY B 12 -11.36 10.60 12.56
N GLU B 13 -10.43 11.50 12.86
CA GLU B 13 -9.28 11.73 11.99
C GLU B 13 -8.53 10.42 11.74
N ARG B 14 -8.42 9.59 12.77
CA ARG B 14 -7.70 8.32 12.66
C ARG B 14 -8.37 7.25 11.79
N PHE B 15 -9.64 7.45 11.38
CA PHE B 15 -10.35 6.51 10.52
C PHE B 15 -10.50 6.97 9.07
N TRP B 16 -9.77 8.01 8.72
CA TRP B 16 -9.49 8.28 7.30
C TRP B 16 -8.96 6.96 6.68
N PRO B 17 -9.35 6.63 5.46
CA PRO B 17 -10.22 7.38 4.54
C PRO B 17 -11.72 7.02 4.62
N LEU B 18 -12.15 6.31 5.67
CA LEU B 18 -13.58 6.01 5.81
C LEU B 18 -14.34 7.21 6.40
N SER B 19 -13.85 7.75 7.50
CA SER B 19 -14.48 8.89 8.16
C SER B 19 -14.25 10.13 7.35
N THR B 20 -15.14 11.10 7.55
CA THR B 20 -15.10 12.42 6.93
C THR B 20 -15.48 13.47 7.99
N PRO B 21 -15.28 14.76 7.68
CA PRO B 21 -15.71 15.78 8.67
C PRO B 21 -17.19 15.67 9.05
N GLU B 22 -18.03 15.34 8.06
CA GLU B 22 -19.45 15.21 8.25
C GLU B 22 -19.89 13.87 8.82
N THR B 23 -19.07 12.81 8.67
CA THR B 23 -19.34 11.53 9.26
C THR B 23 -18.19 11.16 10.19
N PRO B 24 -18.17 11.70 11.42
CA PRO B 24 -17.13 11.30 12.36
C PRO B 24 -17.23 9.82 12.83
N LYS B 25 -16.31 9.45 13.72
CA LYS B 25 -16.13 8.07 14.11
C LYS B 25 -17.42 7.45 14.62
N GLN B 26 -18.19 8.18 15.42
CA GLN B 26 -19.39 7.57 16.03
C GLN B 26 -20.42 7.12 15.00
N PHE B 27 -20.35 7.66 13.77
CA PHE B 27 -21.29 7.27 12.72
C PHE B 27 -20.82 6.13 11.85
N LEU B 28 -19.58 5.67 12.04
CA LEU B 28 -19.06 4.63 11.18
C LEU B 28 -19.69 3.27 11.52
N LYS B 29 -20.18 2.61 10.49
CA LYS B 29 -20.67 1.25 10.64
C LYS B 29 -19.51 0.26 10.54
N LEU B 30 -18.65 0.24 11.54
CA LEU B 30 -17.50 -0.62 11.49
C LEU B 30 -17.93 -2.09 11.62
N PHE B 31 -19.01 -2.36 12.34
CA PHE B 31 -19.39 -3.74 12.64
C PHE B 31 -20.88 -3.88 12.51
N GLY B 32 -21.34 -5.02 12.02
CA GLY B 32 -22.77 -5.21 11.82
C GLY B 32 -23.15 -4.20 10.77
N ASN B 33 -24.39 -3.79 10.71
CA ASN B 33 -24.62 -2.70 9.77
C ASN B 33 -25.20 -1.51 10.50
N LYS B 34 -24.54 -1.19 11.61
CA LYS B 34 -24.97 -0.08 12.46
C LYS B 34 -23.74 0.64 12.97
N SER B 35 -23.92 1.94 13.20
CA SER B 35 -22.84 2.78 13.68
C SER B 35 -22.49 2.42 15.11
N LEU B 36 -21.32 2.88 15.52
CA LEU B 36 -20.82 2.73 16.87
C LEU B 36 -21.81 3.32 17.85
N MET B 37 -22.37 4.49 17.49
CA MET B 37 -23.30 5.18 18.35
C MET B 37 -24.64 4.42 18.46
N ARG B 38 -25.15 3.98 17.32
CA ARG B 38 -26.39 3.24 17.30
C ARG B 38 -26.31 1.97 18.17
N TRP B 39 -25.22 1.21 18.05
CA TRP B 39 -25.06 0.03 18.90
C TRP B 39 -25.06 0.49 20.34
N THR B 40 -24.38 1.59 20.62
CA THR B 40 -24.30 2.09 21.99
C THR B 40 -25.67 2.40 22.52
N PHE B 41 -26.44 3.13 21.72
CA PHE B 41 -27.84 3.46 22.04
C PHE B 41 -28.68 2.20 22.26
N GLU B 42 -28.56 1.21 21.39
CA GLU B 42 -29.34 -0.01 21.53
C GLU B 42 -28.97 -0.77 22.80
N ARG B 43 -27.70 -0.71 23.16
CA ARG B 43 -27.22 -1.29 24.42
C ARG B 43 -27.95 -0.65 25.58
N VAL B 44 -28.04 0.69 25.53
CA VAL B 44 -28.65 1.43 26.61
C VAL B 44 -30.16 1.17 26.66
N LEU B 45 -30.80 1.11 25.48
CA LEU B 45 -32.24 0.86 25.43
C LEU B 45 -32.62 -0.54 25.88
N GLU B 46 -31.66 -1.40 26.19
CA GLU B 46 -32.05 -2.71 26.70
C GLU B 46 -32.65 -2.61 28.12
N GLU B 47 -32.35 -1.54 28.85
CA GLU B 47 -32.87 -1.39 30.22
C GLU B 47 -33.52 -0.04 30.50
N MET B 48 -33.34 0.94 29.60
CA MET B 48 -33.85 2.29 29.80
C MET B 48 -34.77 2.79 28.68
N ASP B 49 -35.62 3.72 29.09
CA ASP B 49 -36.54 4.46 28.23
C ASP B 49 -35.74 5.56 27.51
N PRO B 50 -36.01 5.78 26.21
CA PRO B 50 -35.34 6.85 25.45
C PRO B 50 -35.43 8.24 26.09
N LYS B 51 -36.55 8.52 26.73
CA LYS B 51 -36.77 9.74 27.53
C LYS B 51 -35.63 10.01 28.53
N ASP B 52 -35.02 8.95 29.02
CA ASP B 52 -33.97 9.04 30.03
C ASP B 52 -32.57 9.04 29.43
N VAL B 53 -32.50 9.10 28.10
CA VAL B 53 -31.22 9.14 27.42
C VAL B 53 -30.94 10.52 26.83
N ILE B 54 -29.74 11.00 27.09
CA ILE B 54 -29.24 12.28 26.66
C ILE B 54 -27.98 12.08 25.80
N VAL B 55 -27.97 12.72 24.63
CA VAL B 55 -26.76 12.80 23.81
C VAL B 55 -26.24 14.24 23.85
N VAL B 56 -24.95 14.42 24.20
CA VAL B 56 -24.31 15.72 24.14
C VAL B 56 -23.25 15.74 23.05
N THR B 57 -23.43 16.64 22.07
CA THR B 57 -22.62 16.64 20.85
C THR B 57 -22.61 18.00 20.13
N HIS B 58 -21.60 18.22 19.30
CA HIS B 58 -21.47 19.47 18.55
C HIS B 58 -22.70 19.70 17.66
N LYS B 59 -23.18 20.94 17.59
CA LYS B 59 -24.33 21.29 16.75
C LYS B 59 -24.29 20.67 15.33
N ASP B 60 -23.10 20.59 14.75
CA ASP B 60 -22.91 20.11 13.38
C ASP B 60 -23.35 18.66 13.20
N TYR B 61 -23.31 17.88 14.28
CA TYR B 61 -23.71 16.48 14.22
C TYR B 61 -25.16 16.23 14.64
N VAL B 62 -25.91 17.29 14.97
CA VAL B 62 -27.22 17.11 15.60
C VAL B 62 -28.25 16.42 14.70
N GLU B 63 -28.44 16.93 13.48
CA GLU B 63 -29.46 16.37 12.58
C GLU B 63 -29.14 14.93 12.13
N ARG B 64 -27.86 14.63 11.94
CA ARG B 64 -27.43 13.26 11.66
C ARG B 64 -27.66 12.33 12.88
N THR B 65 -27.40 12.83 14.08
CA THR B 65 -27.72 12.08 15.28
C THR B 65 -29.21 11.73 15.31
N LYS B 66 -30.07 12.68 14.96
CA LYS B 66 -31.51 12.42 14.98
C LYS B 66 -31.88 11.29 14.04
N LYS B 67 -31.25 11.28 12.86
CA LYS B 67 -31.45 10.23 11.88
C LYS B 67 -30.89 8.90 12.41
N GLU B 68 -29.75 8.96 13.07
CA GLU B 68 -29.17 7.76 13.63
C GLU B 68 -30.03 7.27 14.79
N LEU B 69 -30.60 8.17 15.56
CA LEU B 69 -31.28 7.81 16.84
C LEU B 69 -32.70 8.34 16.86
N PRO B 70 -33.58 7.75 16.03
CA PRO B 70 -34.92 8.34 15.84
C PRO B 70 -35.80 8.24 17.09
N GLU B 71 -35.56 7.26 17.95
CA GLU B 71 -36.32 7.09 19.18
C GLU B 71 -36.06 8.17 20.24
N LEU B 72 -34.98 8.92 20.08
CA LEU B 72 -34.58 9.95 21.04
C LEU B 72 -35.41 11.20 20.80
N PRO B 73 -36.03 11.77 21.87
CA PRO B 73 -36.70 13.06 21.69
C PRO B 73 -35.74 14.15 21.24
N ASP B 74 -36.23 15.09 20.42
CA ASP B 74 -35.39 16.16 19.90
C ASP B 74 -34.72 17.01 20.99
N GLU B 75 -35.37 17.10 22.15
CA GLU B 75 -34.80 17.83 23.30
C GLU B 75 -33.76 17.04 24.10
N ASN B 76 -33.63 15.75 23.83
CA ASN B 76 -32.62 14.94 24.52
C ASN B 76 -31.25 14.97 23.82
N ILE B 77 -31.15 15.76 22.75
CA ILE B 77 -29.86 16.03 22.12
C ILE B 77 -29.48 17.45 22.51
N ILE B 78 -28.38 17.60 23.23
CA ILE B 78 -27.90 18.91 23.64
C ILE B 78 -26.77 19.32 22.71
N ALA B 79 -26.98 20.43 22.02
CA ALA B 79 -26.06 20.90 21.00
C ALA B 79 -24.98 21.77 21.62
N GLU B 80 -23.74 21.34 21.48
CA GLU B 80 -22.58 22.09 21.98
C GLU B 80 -22.13 23.09 20.92
N PRO B 81 -21.92 24.37 21.31
CA PRO B 81 -21.50 25.38 20.31
C PRO B 81 -20.08 25.20 19.79
N MET B 82 -19.25 24.49 20.55
CA MET B 82 -17.90 24.14 20.12
C MET B 82 -17.35 23.00 21.00
N LYS B 83 -16.30 22.35 20.52
CA LYS B 83 -15.70 21.24 21.25
C LYS B 83 -14.85 21.73 22.42
N LYS B 84 -15.05 21.13 23.59
CA LYS B 84 -14.25 21.43 24.79
C LYS B 84 -13.90 20.13 25.57
N ASN B 85 -13.92 19.00 24.88
CA ASN B 85 -13.59 17.71 25.46
C ASN B 85 -14.67 17.29 26.49
N THR B 86 -14.38 16.30 27.31
CA THR B 86 -15.42 15.61 28.09
C THR B 86 -15.88 16.31 29.37
N ALA B 87 -15.00 17.07 30.03
CA ALA B 87 -15.36 17.63 31.31
C ALA B 87 -16.60 18.57 31.23
N PRO B 88 -16.65 19.44 30.22
CA PRO B 88 -17.83 20.34 30.11
C PRO B 88 -19.10 19.65 29.60
N ALA B 89 -18.94 18.64 28.73
CA ALA B 89 -20.07 17.87 28.24
C ALA B 89 -20.65 17.11 29.42
N CYS B 90 -19.78 16.49 30.21
CA CYS B 90 -20.18 15.88 31.47
C CYS B 90 -20.99 16.84 32.32
N PHE B 91 -20.43 18.03 32.57
CA PHE B 91 -21.10 18.98 33.43
C PHE B 91 -22.50 19.32 32.92
N ILE B 92 -22.62 19.68 31.64
CA ILE B 92 -23.91 20.19 31.16
C ILE B 92 -24.95 19.06 31.04
N GLY B 93 -24.53 17.86 30.68
CA GLY B 93 -25.45 16.73 30.65
C GLY B 93 -25.89 16.34 32.05
N THR B 94 -24.96 16.36 33.01
CA THR B 94 -25.25 15.96 34.40
C THR B 94 -26.17 16.98 35.07
N LYS B 95 -26.11 18.24 34.61
CA LYS B 95 -27.00 19.31 35.10
C LYS B 95 -28.47 19.04 34.82
N LEU B 96 -28.77 18.18 33.84
CA LEU B 96 -30.15 17.94 33.46
C LEU B 96 -30.81 16.94 34.40
N ALA B 97 -30.00 16.16 35.11
CA ALA B 97 -30.52 15.21 36.09
C ALA B 97 -30.82 15.89 37.41
N ASP B 98 -31.70 15.24 38.18
CA ASP B 98 -31.97 15.67 39.53
C ASP B 98 -30.78 15.33 40.43
N ASP B 99 -30.75 16.01 41.58
CA ASP B 99 -29.59 16.00 42.47
C ASP B 99 -29.15 14.62 42.89
N ASP B 100 -30.10 13.78 43.27
CA ASP B 100 -29.75 12.45 43.72
C ASP B 100 -30.07 11.36 42.70
N GLU B 101 -30.21 11.77 41.43
CA GLU B 101 -30.41 10.83 40.33
C GLU B 101 -29.05 10.35 39.83
N PRO B 102 -28.88 9.02 39.67
CA PRO B 102 -27.65 8.50 39.08
C PRO B 102 -27.53 8.87 37.60
N VAL B 103 -26.33 9.23 37.19
CA VAL B 103 -26.05 9.51 35.78
C VAL B 103 -25.03 8.53 35.25
N LEU B 104 -25.42 7.71 34.27
CA LEU B 104 -24.49 6.81 33.60
C LEU B 104 -23.94 7.50 32.37
N VAL B 105 -22.62 7.73 32.36
CA VAL B 105 -21.95 8.49 31.31
C VAL B 105 -21.18 7.58 30.36
N LEU B 106 -21.54 7.62 29.06
CA LEU B 106 -20.99 6.71 28.05
C LEU B 106 -20.46 7.45 26.82
N PRO B 107 -19.30 7.05 26.34
CA PRO B 107 -18.79 7.48 25.05
C PRO B 107 -19.63 6.88 23.94
N ALA B 108 -19.84 7.60 22.84
CA ALA B 108 -20.60 7.05 21.69
C ALA B 108 -19.80 6.11 20.78
N ASP B 109 -18.48 6.15 20.90
CA ASP B 109 -17.59 5.58 19.88
C ASP B 109 -16.77 4.37 20.36
N HIS B 110 -17.26 3.64 21.37
CA HIS B 110 -16.59 2.46 21.89
C HIS B 110 -17.38 1.23 21.46
N ARG B 111 -16.90 0.03 21.82
CA ARG B 111 -17.59 -1.20 21.44
C ARG B 111 -17.53 -2.19 22.58
N ILE B 112 -18.73 -2.57 23.02
CA ILE B 112 -18.96 -3.52 24.08
C ILE B 112 -20.00 -4.48 23.56
N PRO B 113 -19.59 -5.68 23.20
CA PRO B 113 -20.51 -6.56 22.51
C PRO B 113 -21.54 -7.26 23.40
N ASP B 114 -21.17 -7.53 24.65
CA ASP B 114 -22.02 -8.32 25.55
C ASP B 114 -22.80 -7.36 26.38
N THR B 115 -24.00 -7.04 25.90
CA THR B 115 -24.79 -6.00 26.52
C THR B 115 -25.35 -6.46 27.88
N LYS B 116 -25.52 -7.76 28.09
CA LYS B 116 -26.03 -8.25 29.33
C LYS B 116 -24.94 -8.18 30.41
N LYS B 117 -23.70 -8.51 30.09
CA LYS B 117 -22.62 -8.37 31.08
C LYS B 117 -22.39 -6.88 31.35
N PHE B 118 -22.55 -6.06 30.33
CA PHE B 118 -22.48 -4.61 30.51
C PHE B 118 -23.45 -4.17 31.65
N TRP B 119 -24.70 -4.58 31.52
CA TRP B 119 -25.69 -4.20 32.48
C TRP B 119 -25.50 -4.91 33.81
N LYS B 120 -24.97 -6.15 33.82
CA LYS B 120 -24.58 -6.78 35.06
C LYS B 120 -23.61 -5.86 35.84
N THR B 121 -22.65 -5.29 35.13
CA THR B 121 -21.63 -4.42 35.75
C THR B 121 -22.26 -3.11 36.16
N VAL B 122 -23.11 -2.55 35.32
CA VAL B 122 -23.72 -1.27 35.64
C VAL B 122 -24.63 -1.40 36.89
N LYS B 123 -25.35 -2.51 37.03
CA LYS B 123 -26.24 -2.70 38.16
C LYS B 123 -25.41 -2.85 39.45
N LYS B 124 -24.28 -3.51 39.34
CA LYS B 124 -23.36 -3.62 40.47
C LYS B 124 -22.83 -2.23 40.91
N ALA B 125 -22.58 -1.36 39.93
CA ALA B 125 -22.15 0.00 40.18
C ALA B 125 -23.23 0.85 40.84
N LEU B 126 -24.46 0.73 40.37
CA LEU B 126 -25.61 1.43 40.95
C LEU B 126 -25.83 1.02 42.40
N ASP B 127 -25.74 -0.26 42.67
CA ASP B 127 -25.86 -0.77 44.05
C ASP B 127 -24.75 -0.15 44.91
N ALA B 128 -23.53 -0.14 44.39
CA ALA B 128 -22.41 0.44 45.13
C ALA B 128 -22.55 1.98 45.28
N LEU B 129 -23.07 2.64 44.26
CA LEU B 129 -23.23 4.09 44.30
C LEU B 129 -24.19 4.46 45.42
N GLU B 130 -25.27 3.69 45.53
CA GLU B 130 -26.26 3.93 46.55
C GLU B 130 -25.71 3.72 47.94
N LYS B 131 -24.71 2.85 48.08
CA LYS B 131 -24.15 2.53 49.40
C LYS B 131 -23.03 3.48 49.77
N TYR B 132 -22.17 3.81 48.83
CA TYR B 132 -20.91 4.48 49.15
C TYR B 132 -20.78 5.91 48.65
N ASP B 133 -21.60 6.32 47.67
CA ASP B 133 -21.48 7.64 47.03
C ASP B 133 -20.20 7.70 46.23
N GLY B 134 -19.86 8.89 45.76
CA GLY B 134 -18.62 9.10 45.03
C GLY B 134 -18.80 8.95 43.54
N LEU B 135 -17.68 9.04 42.82
CA LEU B 135 -17.63 8.97 41.37
C LEU B 135 -17.13 7.61 40.95
N PHE B 136 -17.89 6.92 40.10
CA PHE B 136 -17.54 5.56 39.70
C PHE B 136 -16.95 5.42 38.33
N THR B 137 -15.98 4.52 38.23
CA THR B 137 -15.32 4.16 36.98
C THR B 137 -15.39 2.66 36.79
N PHE B 138 -15.11 2.23 35.57
CA PHE B 138 -15.27 0.85 35.17
C PHE B 138 -13.95 0.43 34.65
N GLY B 139 -13.35 -0.53 35.32
CA GLY B 139 -11.97 -0.84 35.07
C GLY B 139 -11.83 -2.09 34.26
N ILE B 140 -10.92 -2.03 33.30
CA ILE B 140 -10.71 -3.11 32.36
C ILE B 140 -9.37 -3.67 32.70
N VAL B 141 -9.21 -4.99 32.58
CA VAL B 141 -7.93 -5.68 32.77
C VAL B 141 -6.93 -5.34 31.67
N PRO B 142 -5.78 -4.74 32.01
CA PRO B 142 -4.87 -4.33 30.95
C PRO B 142 -4.06 -5.49 30.33
N THR B 143 -3.83 -5.44 29.02
CA THR B 143 -2.99 -6.42 28.31
C THR B 143 -1.79 -5.79 27.60
N ARG B 144 -1.56 -4.49 27.75
CA ARG B 144 -0.36 -3.89 27.14
C ARG B 144 -0.06 -2.52 27.76
N PRO B 145 1.19 -2.07 27.67
CA PRO B 145 1.53 -0.76 28.25
C PRO B 145 1.06 0.43 27.41
N GLU B 146 -0.26 0.50 27.23
CA GLU B 146 -0.91 1.53 26.44
C GLU B 146 -0.81 2.88 27.12
N THR B 147 -0.26 3.87 26.42
CA THR B 147 -0.04 5.19 27.03
C THR B 147 -1.24 6.12 26.86
N GLY B 148 -2.20 5.74 26.02
CA GLY B 148 -3.37 6.57 25.72
C GLY B 148 -4.53 6.38 26.69
N TYR B 149 -4.41 5.41 27.60
CA TYR B 149 -5.44 5.15 28.57
C TYR B 149 -5.09 5.79 29.91
N GLY B 150 -6.13 6.10 30.68
CA GLY B 150 -5.98 6.34 32.11
C GLY B 150 -5.82 5.01 32.83
N TYR B 151 -5.10 5.04 33.93
CA TYR B 151 -4.87 3.86 34.74
C TYR B 151 -5.42 4.15 36.12
N ILE B 152 -6.06 3.12 36.68
CA ILE B 152 -6.73 3.22 37.96
C ILE B 152 -6.02 2.28 38.91
N GLU B 153 -5.47 2.83 39.98
CA GLU B 153 -4.90 1.99 41.01
C GLU B 153 -5.98 1.51 41.98
N ILE B 154 -6.03 0.20 42.16
CA ILE B 154 -7.05 -0.48 42.98
C ILE B 154 -6.79 -0.26 44.47
N GLY B 155 -7.70 0.44 45.15
CA GLY B 155 -7.59 0.70 46.58
C GLY B 155 -8.34 -0.33 47.43
N GLU B 156 -8.84 0.10 48.59
CA GLU B 156 -9.53 -0.82 49.51
C GLU B 156 -10.83 -1.38 48.96
N GLU B 157 -11.06 -2.66 49.22
CA GLU B 157 -12.25 -3.33 48.76
C GLU B 157 -13.44 -2.97 49.65
N LEU B 158 -14.34 -2.17 49.12
CA LEU B 158 -15.64 -1.93 49.75
C LEU B 158 -16.52 -3.18 49.60
N GLU B 159 -16.27 -3.95 48.55
CA GLU B 159 -17.22 -4.96 48.15
C GLU B 159 -16.64 -5.77 46.99
N GLU B 160 -17.23 -6.93 46.70
CA GLU B 160 -16.66 -7.82 45.70
C GLU B 160 -16.68 -7.13 44.35
N GLY B 161 -15.49 -6.75 43.91
CA GLY B 161 -15.35 -6.09 42.63
C GLY B 161 -15.62 -4.61 42.70
N VAL B 162 -15.77 -4.07 43.91
CA VAL B 162 -15.98 -2.63 44.12
C VAL B 162 -14.94 -2.08 45.09
N HIS B 163 -14.13 -1.16 44.57
CA HIS B 163 -13.02 -0.62 45.32
C HIS B 163 -13.00 0.88 45.30
N LYS B 164 -12.43 1.44 46.35
CA LYS B 164 -11.95 2.80 46.27
C LYS B 164 -10.77 2.82 45.32
N VAL B 165 -10.60 3.96 44.67
CA VAL B 165 -9.46 4.17 43.80
C VAL B 165 -8.36 4.83 44.64
N ALA B 166 -7.18 4.21 44.68
CA ALA B 166 -6.02 4.75 45.40
C ALA B 166 -5.33 5.88 44.63
N GLN B 167 -5.32 5.77 43.31
CA GLN B 167 -4.90 6.86 42.45
C GLN B 167 -5.39 6.63 41.02
N PHE B 168 -5.67 7.74 40.34
CA PHE B 168 -6.06 7.72 38.96
C PHE B 168 -5.03 8.51 38.21
N ARG B 169 -4.40 7.87 37.23
CA ARG B 169 -3.35 8.51 36.45
C ARG B 169 -3.63 8.47 34.95
N GLU B 170 -3.88 9.66 34.38
CA GLU B 170 -4.28 9.81 32.97
C GLU B 170 -3.07 9.88 32.02
N LYS B 171 -3.00 8.92 31.10
CA LYS B 171 -2.05 8.93 30.01
C LYS B 171 -0.61 9.08 30.51
N PRO B 172 -0.14 8.06 31.24
CA PRO B 172 1.27 8.04 31.68
C PRO B 172 2.19 7.73 30.50
N ASP B 173 3.48 7.99 30.66
CA ASP B 173 4.41 7.69 29.58
C ASP B 173 4.72 6.18 29.54
N LEU B 174 5.40 5.74 28.48
CA LEU B 174 5.62 4.32 28.22
C LEU B 174 6.19 3.56 29.43
N GLU B 175 7.22 4.14 30.05
CA GLU B 175 7.91 3.52 31.18
C GLU B 175 6.95 3.28 32.35
N THR B 176 6.19 4.31 32.70
CA THR B 176 5.25 4.24 33.81
C THR B 176 4.15 3.21 33.51
N ALA B 177 3.59 3.27 32.30
CA ALA B 177 2.55 2.33 31.86
C ALA B 177 3.07 0.90 32.01
N LYS B 178 4.26 0.66 31.53
CA LYS B 178 4.88 -0.66 31.67
C LYS B 178 4.83 -1.13 33.13
N LYS B 179 5.25 -0.26 34.05
CA LYS B 179 5.29 -0.61 35.47
C LYS B 179 3.91 -0.86 36.05
N PHE B 180 2.92 -0.10 35.59
CA PHE B 180 1.55 -0.29 36.07
C PHE B 180 1.00 -1.66 35.67
N VAL B 181 1.24 -2.05 34.42
CA VAL B 181 0.75 -3.34 33.92
C VAL B 181 1.51 -4.49 34.59
N GLU B 182 2.82 -4.31 34.72
CA GLU B 182 3.66 -5.29 35.39
C GLU B 182 3.30 -5.52 36.88
N SER B 183 2.74 -4.50 37.53
CA SER B 183 2.45 -4.58 38.98
C SER B 183 1.24 -5.49 39.31
N GLY B 184 0.25 -5.53 38.42
CA GLY B 184 -0.97 -6.32 38.67
C GLY B 184 -2.01 -5.59 39.51
N ARG B 185 -1.74 -4.34 39.87
CA ARG B 185 -2.62 -3.59 40.77
C ARG B 185 -3.39 -2.46 40.09
N PHE B 186 -3.27 -2.35 38.77
CA PHE B 186 -3.92 -1.27 38.03
C PHE B 186 -4.91 -1.81 37.00
N LEU B 187 -5.98 -1.08 36.78
CA LEU B 187 -6.95 -1.38 35.74
C LEU B 187 -6.94 -0.21 34.80
N TRP B 188 -7.32 -0.46 33.56
CA TRP B 188 -7.52 0.61 32.59
C TRP B 188 -8.85 1.26 32.85
N ASN B 189 -8.87 2.58 32.71
CA ASN B 189 -10.08 3.32 32.74
C ASN B 189 -10.80 3.14 31.42
N SER B 190 -12.06 2.73 31.46
CA SER B 190 -12.79 2.48 30.23
C SER B 190 -13.39 3.76 29.62
N GLY B 191 -13.26 4.88 30.30
CA GLY B 191 -13.85 6.13 29.83
C GLY B 191 -15.33 6.26 30.12
N MET B 192 -15.90 5.29 30.83
CA MET B 192 -17.30 5.36 31.26
C MET B 192 -17.41 5.72 32.74
N PHE B 193 -18.51 6.41 33.09
CA PHE B 193 -18.73 6.87 34.47
C PHE B 193 -20.19 6.76 34.96
N LEU B 194 -20.28 6.70 36.29
CA LEU B 194 -21.54 6.70 37.00
C LEU B 194 -21.41 7.57 38.25
N TRP B 195 -22.35 8.50 38.40
CA TRP B 195 -22.44 9.35 39.63
C TRP B 195 -23.83 9.88 39.86
N LYS B 196 -24.09 10.32 41.08
CA LYS B 196 -25.27 11.13 41.39
C LYS B 196 -25.00 12.55 40.85
N ALA B 197 -26.01 13.15 40.24
CA ALA B 197 -25.88 14.48 39.61
C ALA B 197 -25.22 15.52 40.51
N ARG B 198 -25.74 15.72 41.70
CA ARG B 198 -25.21 16.78 42.55
C ARG B 198 -23.78 16.51 43.02
N GLU B 199 -23.47 15.26 43.32
CA GLU B 199 -22.13 14.98 43.82
C GLU B 199 -21.06 15.29 42.78
N PHE B 200 -21.32 14.96 41.52
CA PHE B 200 -20.35 15.27 40.45
C PHE B 200 -20.15 16.79 40.30
N ILE B 201 -21.26 17.51 40.17
CA ILE B 201 -21.23 18.96 40.00
C ILE B 201 -20.37 19.62 41.09
N GLU B 202 -20.64 19.26 42.35
CA GLU B 202 -19.87 19.75 43.49
C GLU B 202 -18.39 19.42 43.39
N GLU B 203 -18.09 18.25 42.84
CA GLU B 203 -16.71 17.79 42.66
C GLU B 203 -15.92 18.65 41.65
N VAL B 204 -16.61 19.15 40.62
CA VAL B 204 -16.03 20.08 39.66
C VAL B 204 -15.78 21.47 40.28
N LYS B 205 -16.59 21.85 41.27
CA LYS B 205 -16.38 23.10 42.00
C LYS B 205 -14.96 23.16 42.57
N VAL B 206 -14.55 22.09 43.25
CA VAL B 206 -13.22 22.02 43.85
C VAL B 206 -12.12 21.82 42.80
N CYS B 207 -12.29 20.80 41.98
CA CYS B 207 -11.37 20.40 40.93
C CYS B 207 -11.20 21.30 39.71
N GLU B 208 -12.27 21.86 39.18
CA GLU B 208 -12.17 22.76 38.06
C GLU B 208 -13.19 23.84 38.11
N PRO B 209 -12.89 24.87 38.87
CA PRO B 209 -13.80 25.99 39.10
C PRO B 209 -14.14 26.69 37.81
N SER B 210 -13.16 26.82 36.94
CA SER B 210 -13.33 27.40 35.61
C SER B 210 -14.56 26.89 34.86
N ILE B 211 -14.81 25.59 34.98
CA ILE B 211 -15.98 24.95 34.37
C ILE B 211 -17.28 25.20 35.16
N TYR B 212 -17.20 25.13 36.49
CA TYR B 212 -18.38 25.28 37.34
C TYR B 212 -18.94 26.70 37.37
N GLU B 213 -18.06 27.69 37.53
CA GLU B 213 -18.51 29.08 37.63
C GLU B 213 -19.20 29.55 36.34
N ASN B 214 -18.67 29.14 35.20
CA ASN B 214 -19.21 29.58 33.91
C ASN B 214 -20.42 28.78 33.41
N LEU B 215 -20.66 27.60 33.99
CA LEU B 215 -21.78 26.74 33.57
C LEU B 215 -22.88 26.50 34.63
N LYS B 216 -22.60 26.81 35.89
CA LYS B 216 -23.51 26.47 37.00
C LYS B 216 -24.96 26.87 36.77
N ASP B 217 -25.19 28.08 36.29
CA ASP B 217 -26.55 28.59 36.12
C ASP B 217 -27.03 28.55 34.67
N VAL B 218 -26.20 28.06 33.76
CA VAL B 218 -26.56 28.03 32.34
C VAL B 218 -27.51 26.87 32.01
N ASP B 219 -28.56 27.18 31.23
CA ASP B 219 -29.50 26.18 30.73
C ASP B 219 -28.96 25.59 29.40
N PRO B 220 -28.57 24.28 29.42
CA PRO B 220 -27.92 23.69 28.24
C PRO B 220 -28.79 23.62 26.98
N ARG B 221 -30.11 23.76 27.12
CA ARG B 221 -31.02 23.85 25.96
C ARG B 221 -31.17 25.25 25.37
N ASN B 222 -30.53 26.24 26.00
CA ASN B 222 -30.38 27.57 25.40
C ASN B 222 -29.05 27.63 24.68
N PHE B 223 -29.09 27.48 23.36
CA PHE B 223 -27.87 27.43 22.54
C PHE B 223 -27.09 28.74 22.64
N GLU B 224 -27.83 29.84 22.64
CA GLU B 224 -27.24 31.18 22.76
C GLU B 224 -26.59 31.49 24.11
N GLU B 225 -27.27 31.04 25.19
CA GLU B 225 -26.70 31.16 26.53
C GLU B 225 -25.50 30.19 26.69
N LEU B 226 -25.61 29.00 26.10
CA LEU B 226 -24.50 28.03 26.16
C LEU B 226 -23.27 28.49 25.37
N LYS B 227 -23.47 29.11 24.22
CA LYS B 227 -22.36 29.58 23.40
C LYS B 227 -21.51 30.58 24.18
N LYS B 228 -22.15 31.58 24.77
CA LYS B 228 -21.46 32.55 25.61
C LYS B 228 -20.63 31.79 26.66
N ALA B 229 -21.31 31.05 27.52
CA ALA B 229 -20.68 30.34 28.63
C ALA B 229 -19.51 29.47 28.19
N TYR B 230 -19.61 28.83 27.03
CA TYR B 230 -18.53 27.94 26.52
C TYR B 230 -17.24 28.69 26.17
N GLU B 231 -17.37 29.98 25.85
CA GLU B 231 -16.22 30.82 25.46
C GLU B 231 -15.15 30.89 26.55
N LYS B 232 -15.59 30.95 27.81
CA LYS B 232 -14.70 31.08 28.96
C LYS B 232 -14.31 29.73 29.61
N VAL B 233 -14.83 28.62 29.07
CA VAL B 233 -14.60 27.30 29.63
C VAL B 233 -13.40 26.63 28.96
N PRO B 234 -12.45 26.10 29.76
CA PRO B 234 -11.30 25.41 29.16
C PRO B 234 -11.72 24.16 28.38
N SER B 235 -10.85 23.68 27.50
CA SER B 235 -11.06 22.41 26.84
C SER B 235 -10.23 21.36 27.57
N ILE B 236 -10.91 20.43 28.24
CA ILE B 236 -10.23 19.49 29.13
C ILE B 236 -11.09 18.25 29.38
N SER B 237 -10.46 17.08 29.42
CA SER B 237 -11.18 15.84 29.63
C SER B 237 -11.59 15.76 31.10
N VAL B 238 -12.66 15.04 31.40
CA VAL B 238 -13.07 14.84 32.79
C VAL B 238 -11.96 14.17 33.62
N ASP B 239 -11.20 13.28 32.99
CA ASP B 239 -10.07 12.56 33.61
C ASP B 239 -8.97 13.47 34.19
N TYR B 240 -8.57 14.48 33.42
CA TYR B 240 -7.61 15.50 33.90
C TYR B 240 -8.28 16.49 34.83
N ALA B 241 -9.49 16.92 34.46
CA ALA B 241 -10.21 17.94 35.22
C ALA B 241 -10.61 17.47 36.63
N VAL B 242 -11.09 16.23 36.73
CA VAL B 242 -11.73 15.73 37.94
C VAL B 242 -11.14 14.40 38.44
N MET B 243 -10.97 13.42 37.56
CA MET B 243 -10.64 12.07 38.02
C MET B 243 -9.25 11.95 38.64
N GLU B 244 -8.28 12.70 38.10
CA GLU B 244 -6.95 12.72 38.70
C GLU B 244 -6.94 13.41 40.08
N LYS B 245 -7.95 14.25 40.37
CA LYS B 245 -7.92 15.11 41.56
C LYS B 245 -8.90 14.69 42.66
N SER B 246 -10.01 14.05 42.30
CA SER B 246 -11.02 13.73 43.30
C SER B 246 -10.48 12.72 44.31
N LYS B 247 -10.93 12.85 45.56
CA LYS B 247 -10.57 11.93 46.63
C LYS B 247 -11.68 10.90 46.85
N LYS B 248 -12.65 10.82 45.94
CA LYS B 248 -13.77 9.89 46.12
C LYS B 248 -14.16 9.15 44.84
N VAL B 249 -13.15 8.58 44.21
CA VAL B 249 -13.29 7.78 43.03
C VAL B 249 -13.37 6.34 43.46
N ARG B 250 -14.37 5.64 42.94
CA ARG B 250 -14.50 4.21 43.11
C ARG B 250 -14.34 3.55 41.77
N VAL B 251 -14.03 2.26 41.79
CA VAL B 251 -13.95 1.49 40.58
C VAL B 251 -14.67 0.13 40.70
N VAL B 252 -15.41 -0.21 39.66
CA VAL B 252 -15.94 -1.57 39.53
C VAL B 252 -15.19 -2.27 38.41
N LYS B 253 -14.82 -3.53 38.60
CA LYS B 253 -14.18 -4.32 37.55
C LYS B 253 -15.20 -4.68 36.48
N ALA B 254 -14.85 -4.48 35.21
CA ALA B 254 -15.75 -4.80 34.08
C ALA B 254 -15.90 -6.30 33.80
N ASP B 255 -17.14 -6.76 33.78
CA ASP B 255 -17.40 -8.16 33.56
C ASP B 255 -17.27 -8.55 32.06
N PHE B 256 -16.83 -7.62 31.18
CA PHE B 256 -17.07 -7.70 29.72
C PHE B 256 -15.95 -7.24 28.80
N GLU B 257 -15.97 -7.73 27.57
CA GLU B 257 -15.05 -7.35 26.53
C GLU B 257 -15.35 -5.91 26.14
N TRP B 258 -14.29 -5.13 25.94
CA TRP B 258 -14.43 -3.71 25.63
C TRP B 258 -13.29 -3.31 24.72
N SER B 259 -13.54 -2.34 23.85
CA SER B 259 -12.52 -1.63 23.14
C SER B 259 -12.96 -0.18 22.93
N ASP B 260 -11.99 0.71 22.95
CA ASP B 260 -12.25 2.10 22.56
C ASP B 260 -12.12 2.31 21.07
N LEU B 261 -11.69 1.28 20.32
CA LEU B 261 -11.52 1.44 18.88
C LEU B 261 -10.68 2.68 18.55
N GLY B 262 -9.46 2.76 19.10
CA GLY B 262 -8.67 3.98 18.98
C GLY B 262 -8.31 4.34 17.53
N ASN B 263 -7.98 3.31 16.74
CA ASN B 263 -7.45 3.50 15.39
C ASN B 263 -7.68 2.19 14.61
N TRP B 264 -7.14 2.12 13.39
CA TRP B 264 -7.46 1.01 12.52
C TRP B 264 -6.94 -0.32 13.08
N SER B 265 -5.79 -0.25 13.76
CA SER B 265 -5.22 -1.40 14.44
C SER B 265 -6.22 -2.01 15.43
N SER B 266 -7.01 -1.16 16.08
CA SER B 266 -7.99 -1.61 17.07
C SER B 266 -9.05 -2.44 16.40
N VAL B 267 -9.38 -2.11 15.15
CA VAL B 267 -10.36 -2.88 14.38
C VAL B 267 -9.79 -4.24 14.02
N ARG B 268 -8.53 -4.28 13.58
CA ARG B 268 -7.90 -5.54 13.26
C ARG B 268 -7.93 -6.47 14.48
N GLU B 269 -7.68 -5.89 15.65
CA GLU B 269 -7.64 -6.63 16.91
C GLU B 269 -8.96 -7.38 17.13
N ILE B 270 -10.06 -6.74 16.80
CA ILE B 270 -11.38 -7.36 16.84
C ILE B 270 -11.63 -8.40 15.75
N GLU B 271 -11.30 -8.07 14.51
CA GLU B 271 -11.72 -8.88 13.35
C GLU B 271 -10.68 -9.90 12.92
N GLY B 272 -9.42 -9.62 13.23
CA GLY B 272 -8.32 -10.47 12.80
C GLY B 272 -7.67 -9.92 11.56
N TYR B 273 -6.49 -10.44 11.27
CA TYR B 273 -5.79 -10.17 10.05
C TYR B 273 -6.54 -10.73 8.83
N THR B 274 -6.14 -10.28 7.65
CA THR B 274 -6.89 -10.58 6.44
C THR B 274 -6.28 -11.77 5.72
N GLU B 275 -7.16 -12.69 5.33
CA GLU B 275 -6.85 -13.91 4.61
C GLU B 275 -6.59 -13.58 3.14
N GLU B 276 -5.72 -14.36 2.48
CA GLU B 276 -5.65 -14.34 1.03
C GLU B 276 -6.97 -14.73 0.39
N SER B 277 -7.30 -14.06 -0.70
CA SER B 277 -8.49 -14.39 -1.46
C SER B 277 -8.30 -13.92 -2.88
N ASP B 278 -9.35 -14.05 -3.69
CA ASP B 278 -9.36 -13.46 -5.04
C ASP B 278 -9.08 -11.94 -5.04
N GLU B 279 -9.34 -11.26 -3.94
CA GLU B 279 -9.15 -9.81 -3.91
C GLU B 279 -8.05 -9.30 -2.97
N VAL B 280 -7.43 -10.21 -2.24
CA VAL B 280 -6.29 -9.87 -1.38
C VAL B 280 -5.19 -10.89 -1.65
N ILE B 281 -4.14 -10.42 -2.31
CA ILE B 281 -3.04 -11.26 -2.70
C ILE B 281 -1.84 -10.86 -1.87
N LEU B 282 -1.22 -11.83 -1.23
CA LEU B 282 -0.18 -11.59 -0.25
C LEU B 282 1.02 -12.44 -0.65
N VAL B 283 2.14 -11.77 -0.94
CA VAL B 283 3.41 -12.42 -1.32
C VAL B 283 4.48 -11.93 -0.34
N ASP B 284 5.10 -12.86 0.39
CA ASP B 284 6.03 -12.54 1.48
C ASP B 284 5.54 -11.42 2.40
N SER B 285 4.25 -11.48 2.75
CA SER B 285 3.62 -10.48 3.59
C SER B 285 2.78 -11.20 4.67
N ASP B 286 3.10 -10.95 5.93
CA ASP B 286 2.40 -11.54 7.05
C ASP B 286 1.68 -10.48 7.83
N ARG B 287 0.57 -10.86 8.46
CA ARG B 287 -0.08 -10.00 9.45
C ARG B 287 -0.42 -8.68 8.76
N VAL B 288 -1.27 -8.77 7.74
CA VAL B 288 -1.71 -7.59 7.03
C VAL B 288 -3.20 -7.49 7.28
N PHE B 289 -3.68 -6.27 7.39
CA PHE B 289 -5.10 -5.99 7.52
C PHE B 289 -5.49 -5.13 6.31
N VAL B 290 -6.35 -5.68 5.46
CA VAL B 290 -6.72 -5.05 4.21
C VAL B 290 -8.23 -5.00 4.07
N LYS B 291 -8.74 -3.81 3.79
CA LYS B 291 -10.11 -3.59 3.42
C LYS B 291 -10.17 -3.13 1.97
N THR B 292 -10.69 -3.97 1.11
CA THR B 292 -10.82 -3.64 -0.30
C THR B 292 -12.09 -2.86 -0.57
N HIS B 293 -12.12 -2.20 -1.73
CA HIS B 293 -13.29 -1.51 -2.19
C HIS B 293 -13.80 -2.22 -3.45
N ASN B 294 -13.28 -1.88 -4.63
CA ASN B 294 -13.81 -2.43 -5.87
CA ASN B 294 -13.82 -2.45 -5.87
C ASN B 294 -12.79 -3.20 -6.71
N LYS B 295 -11.58 -3.35 -6.20
CA LYS B 295 -10.51 -4.02 -6.95
C LYS B 295 -9.55 -4.77 -6.05
N PRO B 296 -8.80 -5.72 -6.64
CA PRO B 296 -7.87 -6.49 -5.84
C PRO B 296 -6.69 -5.66 -5.37
N ILE B 297 -6.15 -6.06 -4.23
CA ILE B 297 -5.03 -5.41 -3.61
C ILE B 297 -3.98 -6.46 -3.31
N ALA B 298 -2.77 -6.18 -3.74
CA ALA B 298 -1.63 -7.03 -3.48
C ALA B 298 -0.58 -6.33 -2.61
N VAL B 299 -0.13 -7.05 -1.61
CA VAL B 299 0.89 -6.58 -0.68
C VAL B 299 2.09 -7.52 -0.80
N VAL B 300 3.24 -6.95 -1.15
CA VAL B 300 4.45 -7.71 -1.45
C VAL B 300 5.61 -7.27 -0.59
N GLY B 301 6.19 -8.23 0.11
CA GLY B 301 7.35 -7.99 0.95
C GLY B 301 7.13 -7.08 2.14
N LEU B 302 5.91 -7.09 2.67
CA LEU B 302 5.53 -6.18 3.76
C LEU B 302 4.66 -6.88 4.80
N SER B 303 5.04 -6.76 6.06
CA SER B 303 4.29 -7.32 7.17
C SER B 303 3.80 -6.24 8.13
N ASP B 304 2.77 -6.57 8.91
CA ASP B 304 2.25 -5.64 9.92
C ASP B 304 1.87 -4.30 9.30
N VAL B 305 1.08 -4.36 8.24
CA VAL B 305 0.59 -3.15 7.60
C VAL B 305 -0.91 -3.15 7.49
N ILE B 306 -1.45 -1.94 7.46
CA ILE B 306 -2.86 -1.70 7.26
C ILE B 306 -3.07 -1.01 5.92
N VAL B 307 -4.01 -1.52 5.13
CA VAL B 307 -4.34 -0.93 3.84
C VAL B 307 -5.85 -0.82 3.75
N ILE B 308 -6.35 0.40 3.61
CA ILE B 308 -7.78 0.64 3.54
C ILE B 308 -8.02 1.35 2.23
N ASP B 309 -8.93 0.80 1.42
CA ASP B 309 -9.28 1.42 0.17
C ASP B 309 -10.77 1.79 0.24
N THR B 310 -11.07 3.08 0.04
CA THR B 310 -12.43 3.61 0.02
C THR B 310 -12.57 4.56 -1.17
N PRO B 311 -13.80 5.01 -1.44
CA PRO B 311 -13.91 5.96 -2.52
C PRO B 311 -13.18 7.26 -2.24
N ASN B 312 -13.02 7.62 -0.96
CA ASN B 312 -12.36 8.87 -0.60
C ASN B 312 -10.84 8.78 -0.68
N GLY B 313 -10.28 7.56 -0.75
CA GLY B 313 -8.83 7.39 -0.85
C GLY B 313 -8.28 6.07 -0.35
N ILE B 314 -6.95 5.97 -0.40
CA ILE B 314 -6.23 4.79 -0.01
C ILE B 314 -5.28 5.14 1.12
N LEU B 315 -5.37 4.37 2.20
CA LEU B 315 -4.43 4.41 3.30
C LEU B 315 -3.57 3.17 3.31
N ILE B 316 -2.25 3.41 3.39
CA ILE B 316 -1.25 2.38 3.57
C ILE B 316 -0.44 2.76 4.81
N CYS B 317 -0.56 1.96 5.88
CA CYS B 317 -0.07 2.32 7.20
C CYS B 317 0.68 1.17 7.89
N LYS B 318 1.92 1.42 8.32
CA LYS B 318 2.61 0.46 9.19
C LYS B 318 1.85 0.42 10.52
N GLU B 319 1.55 -0.77 11.02
CA GLU B 319 0.56 -0.95 12.09
C GLU B 319 0.85 -0.07 13.32
N GLU B 320 2.09 -0.11 13.80
CA GLU B 320 2.47 0.68 14.97
C GLU B 320 2.35 2.21 14.80
N TYR B 321 2.18 2.71 13.56
CA TYR B 321 1.91 4.15 13.29
C TYR B 321 0.43 4.48 13.08
N ALA B 322 -0.46 3.55 13.44
CA ALA B 322 -1.90 3.72 13.24
C ALA B 322 -2.46 5.04 13.80
N GLN B 323 -1.91 5.51 14.92
CA GLN B 323 -2.33 6.77 15.51
C GLN B 323 -2.09 7.99 14.63
N LYS B 324 -1.03 7.96 13.81
CA LYS B 324 -0.62 9.13 13.02
C LYS B 324 -1.42 9.31 11.71
N VAL B 325 -2.41 8.45 11.48
CA VAL B 325 -3.33 8.64 10.36
C VAL B 325 -3.96 10.01 10.46
N ARG B 326 -4.10 10.51 11.68
CA ARG B 326 -4.73 11.81 11.87
C ARG B 326 -3.97 12.89 11.12
N GLU B 327 -2.65 12.80 11.08
CA GLU B 327 -1.85 13.78 10.33
C GLU B 327 -2.18 13.82 8.85
N VAL B 328 -2.68 12.72 8.27
CA VAL B 328 -3.14 12.72 6.88
C VAL B 328 -4.25 13.75 6.69
N VAL B 329 -5.21 13.74 7.61
CA VAL B 329 -6.38 14.64 7.55
C VAL B 329 -5.93 16.10 7.74
N LYS B 330 -5.02 16.31 8.68
CA LYS B 330 -4.43 17.62 8.89
C LYS B 330 -3.72 18.10 7.63
N LYS B 331 -3.04 17.19 6.93
CA LYS B 331 -2.32 17.58 5.71
C LYS B 331 -3.25 17.86 4.53
N LEU B 332 -4.32 17.09 4.38
CA LEU B 332 -5.34 17.38 3.35
C LEU B 332 -6.16 18.64 3.70
N PHE B 333 -6.28 18.97 4.99
CA PHE B 333 -6.95 20.20 5.46
C PHE B 333 -5.96 21.39 5.45
N ARG B 334 -4.91 21.30 4.64
CA ARG B 334 -3.90 22.35 4.52
C ARG B 334 -3.10 22.50 5.83
#